data_4USA
#
_entry.id   4USA
#
_cell.length_a   143.143
_cell.length_b   143.143
_cell.length_c   161.954
_cell.angle_alpha   90.00
_cell.angle_beta   90.00
_cell.angle_gamma   120.00
#
_symmetry.space_group_name_H-M   'P 61 2 2'
#
loop_
_entity.id
_entity.type
_entity.pdbx_description
1 polymer 'ALDEHYDE OXIDOREDUCTASE'
2 non-polymer 'FE2/S2 (INORGANIC) CLUSTER'
3 non-polymer 'ISOPROPYL ALCOHOL'
4 non-polymer 'BICARBONATE ION'
5 non-polymer 'MAGNESIUM ION'
6 non-polymer 'CHLORIDE ION'
7 non-polymer '(MOLYBDOPTERIN-CYTOSINE DINUCLEOTIDE-S,S)-DIOXO-AQUA-MOLYBDENUM(V)'
8 non-polymer 'HYDROCINNAMIC ACID'
9 water water
#
_entity_poly.entity_id   1
_entity_poly.type   'polypeptide(L)'
_entity_poly.pdbx_seq_one_letter_code
;MIQKVITVNGIEQNLFVDAEALLSDVLRQQLGLTGVKVGCEQGQCGACSVILDGKVVRACVTKMKRVADGAQITTIEGVG
QPENLHPLQKAWVLHGGAQCGFCSPGFIVSAKGLLDTNADPSREDVRDWFQKHRNACRCTGYKPLVDAVMDAAAVINGKK
PETDLEFKMPADGRIWGSKYPRPTAVAKVTGTLDYGADLGLKMPAGTLHLAMVQAKVSHANIKGIDTSEALTMPGVHSVI
THKDVKGKNRITGLITFPTNKGDGWDRPIL(CSO)DEKVFQYGDCIALVCADSEANARAAAEKVKVDLEELPAYMSGPAA
AAEDAIEIHPGTPNVYFEQPIVKGEDTGPIFASADVTVEGDFYVGRQPHMPIEPDVAFAYMGDDGKCYIHSKSIGVHLHL
YMIAPGVGLEPDQLVLVANPMGGTFGYKFSPTSEALVAVAAMATGRPVHLRYNYQQQQQYTGKRSPWEMNVKFAAKKDGT
LLAMESDWLVDHGPYSEFGDLLTLRGAQFIGAGYNIPNIRGLGRTVATNHVWGSAFRGYGAPQSMFASECLMDMLAEKLG
MDPLELRYKNAYRPGDTNPTGQEPEVFSLPDMIDQLRPKYQAALEKAQKESTATHKKGVGISIGVYGSGLDGPDASEAWA
ELNADGTITVHTAWEDHGQGADIGCVGTAHEALRPMGVAPEKIKFTWPNTATTPNSGPSGGSRQQVMTGNAIRVACENLL
KACEKPGGGYYTYDELKAADKPTKITGNWTASGATHCDAVTGLGKPFVVYMYGVFMAEVTVDVATGQTTVDGMTLMADLG
SLCNQLATDGQIYGGLAQGIGLALSEDFEDIKKHATLVGAGFPFIKQIPDKLDIVYVNHPRPDGPFGASGVGELPLTSPH
AAIINAIKSATGVRIYRLPAYPEKVLEALKA
;
_entity_poly.pdbx_strand_id   A
#
# COMPACT_ATOMS: atom_id res chain seq x y z
N MET A 1 -5.60 -20.11 -37.81
CA MET A 1 -4.25 -19.52 -37.43
C MET A 1 -3.77 -18.76 -38.62
N ILE A 2 -2.91 -17.79 -38.38
CA ILE A 2 -2.31 -17.01 -39.47
C ILE A 2 -0.84 -16.74 -39.17
N GLN A 3 -0.04 -16.72 -40.23
CA GLN A 3 1.34 -16.25 -40.18
C GLN A 3 1.34 -14.76 -40.32
N LYS A 4 2.09 -14.06 -39.49
CA LYS A 4 2.29 -12.63 -39.60
C LYS A 4 3.76 -12.34 -39.43
N VAL A 5 4.36 -11.70 -40.41
CA VAL A 5 5.77 -11.35 -40.38
C VAL A 5 5.83 -9.88 -40.04
N ILE A 6 6.35 -9.56 -38.86
CA ILE A 6 6.37 -8.22 -38.33
C ILE A 6 7.74 -7.97 -37.75
N THR A 7 7.97 -6.77 -37.24
CA THR A 7 9.20 -6.43 -36.54
CA THR A 7 9.19 -6.55 -36.49
C THR A 7 8.87 -6.12 -35.09
N VAL A 8 9.54 -6.77 -34.16
CA VAL A 8 9.33 -6.54 -32.73
C VAL A 8 10.68 -6.12 -32.16
N ASN A 9 10.74 -4.92 -31.57
CA ASN A 9 11.97 -4.40 -31.02
C ASN A 9 13.11 -4.46 -32.01
N GLY A 10 12.80 -4.13 -33.27
CA GLY A 10 13.80 -4.05 -34.29
C GLY A 10 14.16 -5.33 -34.96
N ILE A 11 13.60 -6.46 -34.56
CA ILE A 11 13.98 -7.75 -35.08
CA ILE A 11 13.98 -7.78 -35.05
C ILE A 11 12.78 -8.37 -35.78
N GLU A 12 12.98 -8.84 -37.00
CA GLU A 12 11.89 -9.50 -37.72
C GLU A 12 11.48 -10.78 -36.98
N GLN A 13 10.17 -10.91 -36.84
CA GLN A 13 9.54 -12.07 -36.19
CA GLN A 13 9.55 -12.02 -36.19
C GLN A 13 8.57 -12.72 -37.13
N ASN A 14 8.76 -14.02 -37.30
CA ASN A 14 7.88 -14.87 -38.10
C ASN A 14 6.83 -15.47 -37.17
N LEU A 15 5.72 -14.76 -36.98
CA LEU A 15 4.77 -15.13 -35.93
CA LEU A 15 4.76 -15.03 -35.94
C LEU A 15 3.64 -15.97 -36.42
N PHE A 16 3.24 -16.91 -35.59
CA PHE A 16 2.10 -17.77 -35.85
C PHE A 16 1.10 -17.56 -34.73
N VAL A 17 -0.05 -16.98 -35.06
CA VAL A 17 -1.00 -16.53 -34.08
C VAL A 17 -2.41 -16.87 -34.45
N ASP A 18 -3.26 -16.88 -33.43
CA ASP A 18 -4.70 -16.81 -33.61
C ASP A 18 -5.05 -15.34 -33.83
N ALA A 19 -5.85 -15.02 -34.85
CA ALA A 19 -6.21 -13.64 -35.12
C ALA A 19 -7.00 -12.99 -33.96
N GLU A 20 -7.66 -13.82 -33.16
CA GLU A 20 -8.38 -13.36 -31.99
C GLU A 20 -7.55 -13.23 -30.74
N ALA A 21 -6.31 -13.73 -30.75
CA ALA A 21 -5.45 -13.67 -29.58
C ALA A 21 -5.14 -12.22 -29.24
N LEU A 22 -4.95 -11.99 -27.95
CA LEU A 22 -4.54 -10.68 -27.48
C LEU A 22 -3.05 -10.47 -27.65
N LEU A 23 -2.66 -9.28 -28.09
CA LEU A 23 -1.26 -8.95 -28.29
C LEU A 23 -0.48 -9.13 -27.00
N SER A 24 -1.08 -8.79 -25.85
CA SER A 24 -0.36 -8.97 -24.60
C SER A 24 0.05 -10.43 -24.38
N ASP A 25 -0.87 -11.35 -24.65
CA ASP A 25 -0.56 -12.78 -24.51
C ASP A 25 0.48 -13.23 -25.50
N VAL A 26 0.36 -12.78 -26.75
CA VAL A 26 1.36 -13.16 -27.75
C VAL A 26 2.74 -12.70 -27.31
N LEU A 27 2.85 -11.43 -26.95
CA LEU A 27 4.13 -10.88 -26.57
C LEU A 27 4.71 -11.58 -25.34
N ARG A 28 3.89 -11.70 -24.29
CA ARG A 28 4.39 -12.30 -23.05
C ARG A 28 4.68 -13.77 -23.15
N GLN A 29 3.69 -14.51 -23.70
CA GLN A 29 3.72 -15.96 -23.68
C GLN A 29 4.46 -16.55 -24.87
N GLN A 30 4.10 -16.14 -26.07
CA GLN A 30 4.76 -16.70 -27.24
C GLN A 30 6.17 -16.17 -27.40
N LEU A 31 6.39 -14.87 -27.12
CA LEU A 31 7.69 -14.27 -27.37
C LEU A 31 8.51 -14.04 -26.11
N GLY A 32 7.96 -14.30 -24.94
CA GLY A 32 8.73 -14.16 -23.70
C GLY A 32 8.99 -12.74 -23.25
N LEU A 33 8.26 -11.77 -23.79
CA LEU A 33 8.47 -10.35 -23.49
C LEU A 33 7.66 -9.98 -22.28
N THR A 34 8.11 -10.47 -21.13
CA THR A 34 7.40 -10.24 -19.88
C THR A 34 7.59 -8.83 -19.34
N GLY A 35 8.38 -8.00 -20.03
CA GLY A 35 8.38 -6.58 -19.78
C GLY A 35 7.10 -5.88 -20.12
N VAL A 36 6.24 -6.52 -20.93
CA VAL A 36 4.88 -6.02 -21.16
C VAL A 36 4.05 -6.47 -19.96
N LYS A 37 3.76 -5.55 -19.05
CA LYS A 37 3.07 -5.93 -17.83
C LYS A 37 1.58 -5.89 -18.03
N VAL A 38 0.89 -6.84 -17.41
CA VAL A 38 -0.57 -6.91 -17.46
C VAL A 38 -1.12 -6.85 -16.04
N GLY A 39 -1.99 -5.85 -15.86
CA GLY A 39 -2.67 -5.63 -14.59
C GLY A 39 -4.16 -5.89 -14.75
N CYS A 40 -4.89 -4.86 -15.16
CA CYS A 40 -6.36 -4.87 -15.20
C CYS A 40 -6.96 -5.79 -16.27
N GLU A 41 -6.24 -6.01 -17.38
CA GLU A 41 -6.77 -6.77 -18.53
C GLU A 41 -7.98 -6.17 -19.17
N GLN A 42 -8.26 -4.88 -18.94
CA GLN A 42 -9.47 -4.27 -19.44
CA GLN A 42 -9.49 -4.25 -19.40
C GLN A 42 -9.24 -2.92 -20.07
N GLY A 43 -8.00 -2.60 -20.41
CA GLY A 43 -7.72 -1.37 -21.13
C GLY A 43 -7.74 -0.12 -20.26
N GLN A 44 -7.72 -0.26 -18.94
CA GLN A 44 -7.88 0.87 -18.03
C GLN A 44 -6.63 1.34 -17.31
N CYS A 45 -5.52 0.62 -17.40
CA CYS A 45 -4.34 0.91 -16.55
C CYS A 45 -3.09 1.25 -17.30
N GLY A 46 -3.02 0.93 -18.60
CA GLY A 46 -1.82 1.26 -19.36
C GLY A 46 -0.58 0.42 -19.14
N ALA A 47 -0.60 -0.54 -18.20
CA ALA A 47 0.63 -1.24 -17.86
C ALA A 47 1.20 -2.01 -19.07
N CYS A 48 0.31 -2.41 -19.97
CA CYS A 48 0.61 -3.21 -21.13
C CYS A 48 0.82 -2.37 -22.39
N SER A 49 1.11 -1.07 -22.21
CA SER A 49 1.32 -0.18 -23.35
C SER A 49 2.47 -0.67 -24.20
N VAL A 50 2.24 -0.67 -25.51
CA VAL A 50 3.27 -0.96 -26.49
C VAL A 50 3.10 0.06 -27.61
N ILE A 51 4.16 0.25 -28.40
CA ILE A 51 4.04 1.07 -29.61
C ILE A 51 3.79 0.15 -30.79
N LEU A 52 2.69 0.39 -31.50
CA LEU A 52 2.32 -0.37 -32.68
C LEU A 52 2.19 0.64 -33.81
N ASP A 53 3.10 0.59 -34.77
CA ASP A 53 3.05 1.50 -35.93
C ASP A 53 2.91 2.96 -35.50
N GLY A 54 3.71 3.32 -34.52
CA GLY A 54 3.80 4.70 -34.06
C GLY A 54 2.75 5.16 -33.08
N LYS A 55 1.80 4.31 -32.76
CA LYS A 55 0.74 4.63 -31.80
C LYS A 55 0.94 3.83 -30.52
N VAL A 56 0.65 4.47 -29.39
CA VAL A 56 0.67 3.74 -28.12
C VAL A 56 -0.67 3.05 -27.92
N VAL A 57 -0.64 1.73 -27.81
CA VAL A 57 -1.86 0.94 -27.66
C VAL A 57 -1.70 0.07 -26.42
N ARG A 58 -2.84 -0.29 -25.85
CA ARG A 58 -2.88 -1.25 -24.74
C ARG A 58 -2.95 -2.65 -25.35
N ALA A 59 -1.88 -3.41 -25.17
CA ALA A 59 -1.79 -4.74 -25.75
C ALA A 59 -2.87 -5.68 -25.25
N CYS A 60 -3.41 -5.48 -24.04
CA CYS A 60 -4.41 -6.41 -23.49
C CYS A 60 -5.77 -6.26 -24.18
N VAL A 61 -5.97 -5.22 -24.97
CA VAL A 61 -7.23 -5.00 -25.67
C VAL A 61 -6.95 -4.84 -27.16
N THR A 62 -5.80 -5.34 -27.63
CA THR A 62 -5.48 -5.29 -29.05
C THR A 62 -5.39 -6.73 -29.56
N LYS A 63 -6.29 -7.12 -30.43
CA LYS A 63 -6.26 -8.47 -30.98
C LYS A 63 -5.31 -8.51 -32.17
N MET A 64 -4.76 -9.70 -32.44
CA MET A 64 -3.76 -9.84 -33.49
C MET A 64 -4.29 -9.48 -34.86
N LYS A 65 -5.58 -9.60 -35.10
CA LYS A 65 -6.15 -9.18 -36.36
C LYS A 65 -5.91 -7.68 -36.64
N ARG A 66 -5.59 -6.91 -35.60
CA ARG A 66 -5.30 -5.50 -35.76
C ARG A 66 -3.83 -5.21 -36.03
N VAL A 67 -3.00 -6.26 -36.06
CA VAL A 67 -1.59 -6.11 -36.32
C VAL A 67 -1.36 -6.55 -37.75
N ALA A 68 -1.00 -5.60 -38.60
CA ALA A 68 -0.84 -5.90 -40.00
C ALA A 68 0.49 -6.56 -40.26
N ASP A 69 0.54 -7.30 -41.35
CA ASP A 69 1.79 -7.72 -41.87
C ASP A 69 2.73 -6.55 -42.02
N GLY A 70 3.96 -6.69 -41.56
CA GLY A 70 4.93 -5.62 -41.66
C GLY A 70 4.85 -4.59 -40.56
N ALA A 71 3.96 -4.79 -39.60
CA ALA A 71 3.86 -3.88 -38.47
C ALA A 71 5.16 -3.80 -37.71
N GLN A 72 5.32 -2.68 -37.03
CA GLN A 72 6.46 -2.44 -36.12
C GLN A 72 5.90 -2.31 -34.70
N ILE A 73 6.45 -3.12 -33.79
CA ILE A 73 6.07 -3.10 -32.39
C ILE A 73 7.29 -2.81 -31.56
N THR A 74 7.13 -1.97 -30.53
CA THR A 74 8.16 -1.72 -29.52
C THR A 74 7.58 -1.96 -28.15
N THR A 75 8.28 -2.77 -27.36
CA THR A 75 7.99 -2.99 -25.94
C THR A 75 9.12 -2.40 -25.13
N ILE A 76 9.05 -2.48 -23.81
CA ILE A 76 10.13 -1.90 -23.00
C ILE A 76 11.49 -2.51 -23.35
N GLU A 77 11.51 -3.78 -23.70
CA GLU A 77 12.76 -4.46 -24.08
C GLU A 77 13.40 -3.79 -25.29
N GLY A 78 12.61 -3.17 -26.17
CA GLY A 78 13.15 -2.44 -27.29
C GLY A 78 13.49 -0.99 -27.03
N VAL A 79 13.02 -0.43 -25.92
CA VAL A 79 13.39 0.92 -25.53
C VAL A 79 14.83 0.95 -25.05
N GLY A 80 15.18 0.00 -24.19
CA GLY A 80 16.53 -0.09 -23.67
C GLY A 80 16.63 -1.25 -22.73
N GLN A 81 17.86 -1.64 -22.44
CA GLN A 81 18.19 -2.79 -21.60
C GLN A 81 19.20 -2.33 -20.56
N PRO A 82 19.44 -3.14 -19.51
N PRO A 82 19.45 -3.16 -19.54
CA PRO A 82 20.48 -2.73 -18.58
CA PRO A 82 20.34 -2.72 -18.47
C PRO A 82 21.80 -2.57 -19.33
C PRO A 82 21.69 -2.17 -18.91
N GLU A 83 22.55 -1.54 -18.97
N GLU A 83 22.37 -2.74 -19.89
CA GLU A 83 23.76 -1.14 -19.67
CA GLU A 83 23.63 -2.05 -20.24
C GLU A 83 23.53 -0.64 -21.12
C GLU A 83 23.51 -0.97 -21.32
N ASN A 84 22.28 -0.55 -21.59
CA ASN A 84 21.96 0.25 -22.74
C ASN A 84 20.65 0.96 -22.50
N LEU A 85 20.63 1.80 -21.47
CA LEU A 85 19.41 2.48 -21.07
C LEU A 85 19.08 3.66 -21.94
N HIS A 86 17.80 3.82 -22.27
CA HIS A 86 17.28 4.98 -22.99
C HIS A 86 17.27 6.18 -22.05
N PRO A 87 17.32 7.42 -22.56
CA PRO A 87 17.16 8.58 -21.64
C PRO A 87 15.94 8.51 -20.75
N LEU A 88 14.80 7.99 -21.24
CA LEU A 88 13.64 7.88 -20.38
C LEU A 88 13.88 6.95 -19.20
N GLN A 89 14.55 5.84 -19.46
CA GLN A 89 14.87 4.87 -18.40
C GLN A 89 15.84 5.49 -17.39
N LYS A 90 16.89 6.17 -17.89
CA LYS A 90 17.81 6.83 -16.97
C LYS A 90 17.09 7.88 -16.14
N ALA A 91 16.21 8.66 -16.77
CA ALA A 91 15.50 9.68 -16.06
C ALA A 91 14.56 9.08 -14.99
N TRP A 92 13.91 7.96 -15.31
CA TRP A 92 13.05 7.31 -14.34
C TRP A 92 13.86 6.94 -13.10
N VAL A 93 15.04 6.36 -13.33
CA VAL A 93 15.92 5.96 -12.22
C VAL A 93 16.29 7.18 -11.37
N LEU A 94 16.70 8.26 -12.03
CA LEU A 94 17.18 9.45 -11.36
C LEU A 94 16.10 10.13 -10.52
N HIS A 95 14.88 10.12 -11.06
CA HIS A 95 13.74 10.80 -10.45
C HIS A 95 12.94 9.90 -9.53
N GLY A 96 13.34 8.62 -9.39
CA GLY A 96 12.68 7.76 -8.45
C GLY A 96 11.29 7.32 -8.87
N GLY A 97 11.02 7.30 -10.18
CA GLY A 97 9.70 6.97 -10.65
C GLY A 97 9.29 5.51 -10.53
N ALA A 98 10.27 4.61 -10.37
CA ALA A 98 9.94 3.19 -10.13
C ALA A 98 9.93 2.97 -8.63
N GLN A 99 8.73 2.90 -8.08
CA GLN A 99 8.53 2.46 -6.69
C GLN A 99 8.30 0.95 -6.77
N CYS A 100 7.05 0.48 -6.85
CA CYS A 100 6.86 -0.92 -7.13
C CYS A 100 7.39 -1.29 -8.50
N GLY A 101 7.37 -0.35 -9.44
CA GLY A 101 7.87 -0.57 -10.80
C GLY A 101 6.94 -1.23 -11.74
N PHE A 102 5.74 -1.59 -11.30
CA PHE A 102 4.89 -2.39 -12.18
C PHE A 102 4.39 -1.60 -13.37
N CYS A 103 4.14 -0.30 -13.16
CA CYS A 103 3.69 0.58 -14.21
C CYS A 103 4.84 1.14 -15.04
N SER A 104 6.08 0.93 -14.64
CA SER A 104 7.18 1.68 -15.24
C SER A 104 7.38 1.35 -16.72
N PRO A 105 7.37 0.08 -17.12
CA PRO A 105 7.48 -0.20 -18.55
C PRO A 105 6.43 0.51 -19.37
N GLY A 106 5.17 0.44 -18.90
CA GLY A 106 4.10 1.03 -19.69
C GLY A 106 4.21 2.55 -19.79
N PHE A 107 4.54 3.21 -18.67
CA PHE A 107 4.73 4.67 -18.73
C PHE A 107 5.90 5.01 -19.65
N ILE A 108 6.99 4.24 -19.59
CA ILE A 108 8.16 4.59 -20.38
C ILE A 108 7.89 4.40 -21.87
N VAL A 109 7.27 3.28 -22.22
CA VAL A 109 6.88 3.08 -23.62
C VAL A 109 5.90 4.16 -24.07
N SER A 110 4.92 4.45 -23.23
CA SER A 110 3.98 5.51 -23.57
C SER A 110 4.66 6.86 -23.75
N ALA A 111 5.60 7.17 -22.86
CA ALA A 111 6.36 8.40 -22.93
C ALA A 111 7.22 8.46 -24.19
N LYS A 112 7.79 7.33 -24.61
CA LYS A 112 8.54 7.34 -25.87
C LYS A 112 7.60 7.69 -27.01
N GLY A 113 6.39 7.13 -26.99
CA GLY A 113 5.42 7.51 -28.02
C GLY A 113 5.10 8.98 -28.01
N LEU A 114 4.97 9.56 -26.82
CA LEU A 114 4.75 11.01 -26.69
C LEU A 114 5.90 11.76 -27.32
N LEU A 115 7.13 11.44 -26.89
CA LEU A 115 8.25 12.22 -27.35
C LEU A 115 8.53 12.05 -28.85
N ASP A 116 8.12 10.93 -29.42
CA ASP A 116 8.24 10.73 -30.84
C ASP A 116 7.25 11.54 -31.63
N THR A 117 6.22 12.09 -30.98
CA THR A 117 5.23 12.94 -31.63
C THR A 117 5.31 14.41 -31.21
N ASN A 118 5.83 14.68 -30.01
CA ASN A 118 5.94 16.01 -29.45
C ASN A 118 7.25 16.01 -28.68
N ALA A 119 8.30 16.52 -29.30
CA ALA A 119 9.62 16.40 -28.73
C ALA A 119 9.84 17.27 -27.51
N ASP A 120 9.07 18.37 -27.39
CA ASP A 120 9.27 19.34 -26.33
C ASP A 120 7.93 19.62 -25.63
N PRO A 121 7.39 18.63 -24.94
CA PRO A 121 6.09 18.80 -24.30
C PRO A 121 6.17 19.72 -23.10
N SER A 122 5.09 20.44 -22.83
CA SER A 122 4.91 21.03 -21.52
C SER A 122 4.55 19.96 -20.51
N ARG A 123 4.62 20.31 -19.21
CA ARG A 123 4.16 19.36 -18.20
C ARG A 123 2.69 18.99 -18.42
N GLU A 124 1.88 19.96 -18.83
CA GLU A 124 0.48 19.70 -19.08
C GLU A 124 0.30 18.76 -20.27
N ASP A 125 1.13 18.92 -21.30
CA ASP A 125 1.08 17.98 -22.42
C ASP A 125 1.39 16.54 -21.94
N VAL A 126 2.36 16.40 -21.07
CA VAL A 126 2.70 15.08 -20.52
C VAL A 126 1.52 14.49 -19.78
N ARG A 127 0.92 15.31 -18.91
CA ARG A 127 -0.25 14.86 -18.16
C ARG A 127 -1.40 14.49 -19.08
N ASP A 128 -1.66 15.32 -20.09
CA ASP A 128 -2.75 15.01 -21.03
C ASP A 128 -2.50 13.67 -21.73
N TRP A 129 -1.23 13.43 -22.07
CA TRP A 129 -0.87 12.19 -22.80
C TRP A 129 -1.10 10.96 -21.94
N PHE A 130 -0.64 11.01 -20.69
CA PHE A 130 -0.85 9.87 -19.81
C PHE A 130 -2.32 9.69 -19.47
N GLN A 131 -3.10 10.76 -19.42
CA GLN A 131 -4.52 10.63 -19.21
C GLN A 131 -5.16 9.91 -20.41
N LYS A 132 -4.83 10.36 -21.60
CA LYS A 132 -5.42 9.80 -22.82
C LYS A 132 -5.08 8.33 -22.99
N HIS A 133 -3.85 7.97 -22.65
CA HIS A 133 -3.35 6.60 -22.82
C HIS A 133 -3.58 5.73 -21.58
N ARG A 134 -4.25 6.27 -20.58
CA ARG A 134 -4.68 5.51 -19.43
C ARG A 134 -3.53 4.94 -18.63
N ASN A 135 -2.40 5.65 -18.60
CA ASN A 135 -1.27 5.18 -17.80
C ASN A 135 -1.53 5.49 -16.31
N ALA A 136 -1.76 4.43 -15.55
CA ALA A 136 -2.16 4.51 -14.14
C ALA A 136 -0.97 4.14 -13.24
N CYS A 137 -0.82 4.87 -12.14
CA CYS A 137 0.16 4.55 -11.11
C CYS A 137 -0.47 4.74 -9.77
N ARG A 138 -0.29 3.76 -8.87
CA ARG A 138 -0.81 3.85 -7.51
C ARG A 138 0.25 4.23 -6.49
N CYS A 139 1.51 4.23 -6.87
CA CYS A 139 2.59 4.46 -5.92
C CYS A 139 3.10 5.91 -5.84
N THR A 140 3.19 6.61 -6.98
CA THR A 140 4.05 7.78 -7.08
C THR A 140 3.37 9.12 -7.03
N GLY A 141 2.04 9.13 -7.20
CA GLY A 141 1.36 10.39 -7.36
C GLY A 141 1.65 11.14 -8.65
N TYR A 142 2.28 10.44 -9.61
CA TYR A 142 2.50 10.92 -10.98
C TYR A 142 3.55 11.97 -11.16
N LYS A 143 3.71 12.89 -10.20
CA LYS A 143 4.65 14.00 -10.36
C LYS A 143 6.07 13.51 -10.69
N PRO A 144 6.61 12.47 -10.04
CA PRO A 144 7.96 12.03 -10.41
C PRO A 144 8.06 11.53 -11.84
N LEU A 145 6.96 10.97 -12.33
CA LEU A 145 6.92 10.47 -13.69
C LEU A 145 7.00 11.60 -14.70
N VAL A 146 6.20 12.64 -14.45
CA VAL A 146 6.26 13.84 -15.30
C VAL A 146 7.66 14.47 -15.23
N ASP A 147 8.23 14.56 -14.03
CA ASP A 147 9.58 15.08 -13.90
C ASP A 147 10.57 14.31 -14.79
N ALA A 148 10.45 12.99 -14.79
CA ALA A 148 11.36 12.18 -15.58
C ALA A 148 11.18 12.42 -17.08
N VAL A 149 9.94 12.49 -17.53
CA VAL A 149 9.71 12.74 -18.94
C VAL A 149 10.34 14.05 -19.37
N MET A 150 10.15 15.10 -18.56
CA MET A 150 10.67 16.42 -18.94
C MET A 150 12.18 16.39 -19.01
N ASP A 151 12.82 15.71 -18.06
CA ASP A 151 14.28 15.65 -18.06
C ASP A 151 14.80 14.87 -19.26
N ALA A 152 14.18 13.73 -19.54
CA ALA A 152 14.56 12.95 -20.71
C ALA A 152 14.40 13.75 -21.98
N ALA A 153 13.28 14.49 -22.11
CA ALA A 153 13.03 15.27 -23.31
C ALA A 153 14.15 16.28 -23.54
N ALA A 154 14.59 16.92 -22.45
CA ALA A 154 15.64 17.92 -22.59
C ALA A 154 16.94 17.30 -23.11
N VAL A 155 17.24 16.08 -22.68
CA VAL A 155 18.42 15.40 -23.17
C VAL A 155 18.25 14.99 -24.64
N ILE A 156 17.09 14.43 -24.97
CA ILE A 156 16.87 13.96 -26.33
C ILE A 156 16.93 15.16 -27.28
N ASN A 157 16.51 16.32 -26.77
CA ASN A 157 16.53 17.62 -27.50
C ASN A 157 17.86 18.33 -27.57
N GLY A 158 18.84 17.80 -26.88
CA GLY A 158 20.18 18.37 -26.98
C GLY A 158 20.36 19.54 -26.06
N LYS A 159 19.40 19.75 -25.14
CA LYS A 159 19.48 20.93 -24.30
C LYS A 159 20.35 20.71 -23.06
N LYS A 160 20.54 19.45 -22.67
CA LYS A 160 21.47 19.08 -21.61
C LYS A 160 22.11 17.75 -21.99
N PRO A 161 23.30 17.47 -21.44
CA PRO A 161 23.99 16.24 -21.77
C PRO A 161 23.37 15.06 -21.07
N GLU A 162 23.43 13.93 -21.74
CA GLU A 162 22.89 12.72 -21.19
C GLU A 162 23.53 12.30 -19.86
N THR A 163 24.78 12.68 -19.64
CA THR A 163 25.47 12.39 -18.37
C THR A 163 24.77 13.00 -17.16
N ASP A 164 24.01 14.06 -17.40
CA ASP A 164 23.23 14.67 -16.33
C ASP A 164 22.04 13.84 -15.86
N LEU A 165 21.71 12.78 -16.59
CA LEU A 165 20.72 11.82 -16.11
C LEU A 165 21.35 10.77 -15.19
N GLU A 166 22.64 10.84 -14.91
CA GLU A 166 23.32 9.89 -14.04
C GLU A 166 23.55 10.55 -12.68
N PHE A 167 23.24 9.82 -11.62
CA PHE A 167 23.39 10.36 -10.28
C PHE A 167 24.83 10.79 -10.03
N LYS A 168 24.95 11.96 -9.40
CA LYS A 168 26.22 12.53 -9.00
C LYS A 168 26.38 12.37 -7.49
N MET A 169 27.40 11.64 -7.08
CA MET A 169 27.66 11.43 -5.65
C MET A 169 27.87 12.76 -4.93
N PRO A 170 27.22 12.93 -3.77
CA PRO A 170 27.42 14.13 -3.00
C PRO A 170 28.86 14.31 -2.58
N ALA A 171 29.24 15.58 -2.50
CA ALA A 171 30.43 16.02 -1.82
C ALA A 171 30.26 15.62 -0.35
N ASP A 172 31.00 14.56 0.00
CA ASP A 172 31.11 13.92 1.34
C ASP A 172 30.88 12.42 1.22
N GLY A 173 30.30 11.98 0.10
CA GLY A 173 30.15 10.55 -0.14
C GLY A 173 29.04 9.92 0.71
N ARG A 174 28.26 10.78 1.38
CA ARG A 174 27.07 10.38 2.21
C ARG A 174 25.87 10.10 1.30
N ILE A 175 25.39 8.89 1.38
CA ILE A 175 24.11 8.60 0.64
CA ILE A 175 24.21 8.45 0.74
C ILE A 175 22.92 8.72 1.56
N TRP A 176 23.06 8.62 2.88
CA TRP A 176 21.96 8.92 3.79
C TRP A 176 21.52 10.36 3.52
N GLY A 177 20.22 10.56 3.31
CA GLY A 177 19.65 11.86 3.07
C GLY A 177 19.67 12.30 1.63
N SER A 178 20.29 11.54 0.75
CA SER A 178 20.48 11.92 -0.64
C SER A 178 19.34 11.41 -1.53
N LYS A 179 19.55 11.65 -2.82
CA LYS A 179 18.67 11.13 -3.88
C LYS A 179 19.32 9.92 -4.59
N TYR A 180 20.17 9.16 -3.89
CA TYR A 180 20.76 8.00 -4.52
C TYR A 180 19.67 7.08 -5.06
N PRO A 181 19.79 6.59 -6.29
CA PRO A 181 18.74 5.72 -6.83
C PRO A 181 18.66 4.39 -6.14
N ARG A 182 17.46 3.80 -6.22
CA ARG A 182 17.27 2.53 -5.55
C ARG A 182 17.84 1.37 -6.40
N PRO A 183 18.39 0.33 -5.75
CA PRO A 183 19.03 -0.76 -6.47
C PRO A 183 18.16 -1.44 -7.51
N THR A 184 16.87 -1.59 -7.24
CA THR A 184 15.96 -2.29 -8.14
C THR A 184 15.49 -1.47 -9.31
N ALA A 185 15.85 -0.17 -9.37
CA ALA A 185 15.25 0.71 -10.39
C ALA A 185 15.62 0.25 -11.78
N VAL A 186 16.88 -0.12 -12.07
CA VAL A 186 17.25 -0.51 -13.42
C VAL A 186 16.41 -1.69 -13.90
N ALA A 187 16.24 -2.71 -13.05
CA ALA A 187 15.46 -3.89 -13.45
C ALA A 187 14.02 -3.47 -13.73
N LYS A 188 13.45 -2.59 -12.87
CA LYS A 188 12.09 -2.16 -13.08
C LYS A 188 11.88 -1.40 -14.38
N VAL A 189 12.78 -0.48 -14.70
CA VAL A 189 12.59 0.38 -15.87
C VAL A 189 12.91 -0.34 -17.17
N THR A 190 13.55 -1.51 -17.07
CA THR A 190 13.86 -2.33 -18.24
C THR A 190 12.94 -3.52 -18.38
N GLY A 191 11.99 -3.71 -17.46
CA GLY A 191 11.12 -4.87 -17.53
C GLY A 191 11.81 -6.18 -17.24
N THR A 192 12.92 -6.16 -16.52
CA THR A 192 13.69 -7.35 -16.22
C THR A 192 13.59 -7.80 -14.76
N LEU A 193 12.67 -7.22 -14.01
CA LEU A 193 12.32 -7.70 -12.66
C LEU A 193 11.08 -8.58 -12.82
N ASP A 194 11.17 -9.84 -12.43
CA ASP A 194 10.02 -10.73 -12.62
C ASP A 194 9.11 -10.73 -11.41
N TYR A 195 7.91 -10.23 -11.66
CA TYR A 195 6.84 -10.25 -10.68
C TYR A 195 6.15 -11.63 -10.70
N GLY A 196 5.20 -11.90 -9.82
CA GLY A 196 4.66 -13.25 -9.73
C GLY A 196 4.04 -13.81 -10.99
N ALA A 197 3.35 -12.98 -11.77
CA ALA A 197 2.75 -13.51 -13.00
C ALA A 197 3.85 -13.83 -14.04
N ASP A 198 4.89 -13.00 -14.07
CA ASP A 198 6.03 -13.20 -14.95
C ASP A 198 6.71 -14.56 -14.61
N LEU A 199 6.93 -14.79 -13.31
CA LEU A 199 7.52 -16.03 -12.85
C LEU A 199 6.66 -17.22 -13.27
N GLY A 200 5.33 -17.07 -13.21
CA GLY A 200 4.46 -18.13 -13.66
C GLY A 200 4.69 -18.54 -15.10
N LEU A 201 4.95 -17.57 -15.97
CA LEU A 201 5.21 -17.88 -17.38
C LEU A 201 6.55 -18.57 -17.57
N LYS A 202 7.44 -18.42 -16.61
CA LYS A 202 8.81 -18.94 -16.70
CA LYS A 202 8.80 -18.94 -16.71
C LYS A 202 9.00 -20.18 -15.85
N MET A 203 7.91 -20.74 -15.32
CA MET A 203 7.94 -21.97 -14.55
C MET A 203 7.88 -23.14 -15.56
N PRO A 204 8.27 -24.28 -15.11
CA PRO A 204 8.35 -25.41 -16.05
C PRO A 204 7.04 -26.01 -16.41
N ALA A 205 7.03 -26.79 -17.52
N ALA A 205 7.02 -26.71 -17.55
CA ALA A 205 5.82 -27.43 -18.04
CA ALA A 205 5.90 -27.58 -17.92
C ALA A 205 5.01 -28.24 -17.02
C ALA A 205 5.65 -28.52 -16.76
N GLY A 206 5.66 -28.83 -16.00
N GLY A 206 4.40 -28.87 -16.55
CA GLY A 206 4.93 -29.59 -14.95
CA GLY A 206 4.07 -29.61 -15.35
C GLY A 206 3.97 -28.77 -14.08
C GLY A 206 3.74 -28.74 -14.14
N THR A 207 4.12 -27.46 -14.15
CA THR A 207 3.42 -26.54 -13.25
C THR A 207 1.93 -26.59 -13.55
N LEU A 208 1.14 -26.70 -12.49
CA LEU A 208 -0.29 -26.63 -12.61
C LEU A 208 -0.74 -25.18 -12.33
N HIS A 209 -1.68 -24.72 -13.14
CA HIS A 209 -2.27 -23.40 -12.99
C HIS A 209 -3.61 -23.54 -12.36
N LEU A 210 -3.87 -22.69 -11.37
CA LEU A 210 -5.10 -22.81 -10.57
C LEU A 210 -6.13 -21.77 -10.96
N ALA A 211 -7.38 -22.13 -10.73
CA ALA A 211 -8.49 -21.18 -10.82
C ALA A 211 -9.38 -21.45 -9.62
N MET A 212 -9.88 -20.35 -9.04
CA MET A 212 -10.78 -20.42 -7.90
C MET A 212 -12.22 -20.62 -8.30
N VAL A 213 -12.88 -21.51 -7.60
CA VAL A 213 -14.34 -21.67 -7.67
C VAL A 213 -14.86 -20.85 -6.50
N GLN A 214 -15.53 -19.74 -6.79
CA GLN A 214 -15.83 -18.74 -5.77
C GLN A 214 -17.34 -18.63 -5.54
N ALA A 215 -17.69 -18.25 -4.32
CA ALA A 215 -19.08 -17.96 -4.00
C ALA A 215 -19.59 -16.78 -4.78
N LYS A 216 -20.83 -16.93 -5.28
CA LYS A 216 -21.48 -15.86 -6.02
C LYS A 216 -22.66 -15.31 -5.25
N VAL A 217 -22.72 -15.59 -3.95
CA VAL A 217 -23.63 -14.96 -3.02
C VAL A 217 -22.83 -14.54 -1.80
N SER A 218 -23.42 -13.68 -0.97
CA SER A 218 -22.67 -13.11 0.15
C SER A 218 -22.68 -13.96 1.42
N HIS A 219 -23.64 -14.89 1.56
CA HIS A 219 -23.77 -15.61 2.83
C HIS A 219 -24.57 -16.89 2.55
N ALA A 220 -24.07 -18.04 2.98
CA ALA A 220 -24.77 -19.30 2.67
C ALA A 220 -24.29 -20.40 3.54
N ASN A 221 -25.15 -21.42 3.68
CA ASN A 221 -24.70 -22.74 4.12
C ASN A 221 -24.38 -23.58 2.88
N ILE A 222 -23.21 -24.20 2.85
CA ILE A 222 -22.83 -25.04 1.71
C ILE A 222 -23.31 -26.46 1.94
N LYS A 223 -23.98 -27.02 0.94
CA LYS A 223 -24.48 -28.38 1.00
C LYS A 223 -23.63 -29.38 0.25
N GLY A 224 -22.97 -28.97 -0.82
CA GLY A 224 -22.17 -29.91 -1.58
C GLY A 224 -21.48 -29.23 -2.74
N ILE A 225 -20.52 -29.95 -3.29
CA ILE A 225 -19.71 -29.50 -4.42
C ILE A 225 -19.69 -30.65 -5.43
N ASP A 226 -20.05 -30.36 -6.68
CA ASP A 226 -20.01 -31.35 -7.79
C ASP A 226 -18.97 -30.91 -8.80
N THR A 227 -17.89 -31.69 -8.90
CA THR A 227 -16.77 -31.38 -9.78
C THR A 227 -16.81 -32.20 -11.07
N SER A 228 -17.85 -33.00 -11.28
CA SER A 228 -17.80 -34.02 -12.32
C SER A 228 -17.60 -33.46 -13.73
N GLU A 229 -18.35 -32.43 -14.11
CA GLU A 229 -18.20 -31.86 -15.44
C GLU A 229 -16.80 -31.22 -15.57
N ALA A 230 -16.36 -30.50 -14.54
CA ALA A 230 -15.04 -29.85 -14.59
C ALA A 230 -13.91 -30.85 -14.89
N LEU A 231 -13.98 -32.05 -14.31
CA LEU A 231 -12.90 -33.03 -14.48
C LEU A 231 -12.77 -33.54 -15.90
N THR A 232 -13.84 -33.40 -16.68
CA THR A 232 -13.84 -33.81 -18.09
C THR A 232 -13.31 -32.76 -19.05
N MET A 233 -13.00 -31.57 -18.55
CA MET A 233 -12.68 -30.46 -19.42
C MET A 233 -11.21 -30.41 -19.80
N PRO A 234 -10.91 -29.68 -20.91
CA PRO A 234 -9.55 -29.71 -21.41
C PRO A 234 -8.53 -29.27 -20.39
N GLY A 235 -7.45 -30.04 -20.30
CA GLY A 235 -6.29 -29.68 -19.49
C GLY A 235 -6.48 -29.82 -18.00
N VAL A 236 -7.62 -30.34 -17.52
CA VAL A 236 -7.85 -30.38 -16.10
C VAL A 236 -7.17 -31.57 -15.43
N HIS A 237 -6.43 -31.30 -14.36
CA HIS A 237 -5.75 -32.30 -13.55
C HIS A 237 -6.65 -32.82 -12.41
N SER A 238 -7.22 -31.91 -11.64
CA SER A 238 -7.97 -32.25 -10.45
C SER A 238 -8.67 -31.02 -9.96
N VAL A 239 -9.56 -31.24 -8.98
CA VAL A 239 -10.18 -30.15 -8.23
C VAL A 239 -9.93 -30.38 -6.76
N ILE A 240 -9.49 -29.33 -6.07
CA ILE A 240 -9.12 -29.38 -4.67
C ILE A 240 -10.25 -28.73 -3.87
N THR A 241 -10.65 -29.37 -2.78
CA THR A 241 -11.65 -28.82 -1.89
C THR A 241 -11.11 -28.90 -0.45
N HIS A 242 -11.98 -28.51 0.51
CA HIS A 242 -11.59 -28.62 1.91
C HIS A 242 -11.16 -30.04 2.29
N LYS A 243 -11.70 -31.04 1.60
CA LYS A 243 -11.33 -32.42 1.93
C LYS A 243 -9.86 -32.70 1.70
N ASP A 244 -9.19 -31.90 0.87
CA ASP A 244 -7.76 -32.07 0.57
C ASP A 244 -6.85 -31.32 1.53
N VAL A 245 -7.42 -30.53 2.44
CA VAL A 245 -6.65 -29.75 3.40
C VAL A 245 -6.18 -30.68 4.50
N LYS A 246 -4.89 -30.61 4.84
CA LYS A 246 -4.28 -31.56 5.75
CA LYS A 246 -4.28 -31.57 5.76
CA LYS A 246 -4.28 -31.56 5.75
C LYS A 246 -4.20 -31.06 7.20
N GLY A 247 -4.55 -29.79 7.45
CA GLY A 247 -4.56 -29.24 8.78
C GLY A 247 -5.95 -28.79 9.16
N LYS A 248 -6.00 -27.75 9.98
CA LYS A 248 -7.28 -27.27 10.51
C LYS A 248 -8.19 -26.62 9.48
N ASN A 249 -7.66 -26.26 8.30
CA ASN A 249 -8.46 -25.56 7.32
C ASN A 249 -8.99 -24.24 7.85
N ARG A 250 -8.20 -23.58 8.67
CA ARG A 250 -8.53 -22.26 9.21
C ARG A 250 -7.23 -21.47 9.27
N ILE A 251 -7.33 -20.17 9.02
CA ILE A 251 -6.24 -19.21 9.27
C ILE A 251 -6.46 -18.66 10.66
N THR A 252 -5.39 -18.54 11.43
CA THR A 252 -5.50 -17.95 12.76
C THR A 252 -5.12 -16.46 12.70
N GLY A 253 -5.89 -15.66 13.43
CA GLY A 253 -5.53 -14.27 13.60
C GLY A 253 -4.32 -14.03 14.46
N LEU A 254 -3.85 -15.07 15.14
CA LEU A 254 -2.58 -15.20 15.80
C LEU A 254 -2.39 -14.36 17.06
N ILE A 255 -2.79 -13.08 17.02
CA ILE A 255 -2.67 -12.16 18.14
C ILE A 255 -4.05 -11.64 18.56
N THR A 256 -5.10 -12.42 18.34
CA THR A 256 -6.44 -12.12 18.79
C THR A 256 -6.42 -11.65 20.24
N PHE A 257 -7.07 -10.52 20.53
CA PHE A 257 -7.01 -9.98 21.85
C PHE A 257 -7.81 -10.85 22.83
N PRO A 258 -7.35 -10.96 24.09
CA PRO A 258 -8.13 -11.77 25.06
C PRO A 258 -9.58 -11.36 25.21
N THR A 259 -9.89 -10.06 25.12
CA THR A 259 -11.26 -9.64 25.28
C THR A 259 -12.07 -9.74 24.01
N ASN A 260 -11.47 -10.17 22.90
CA ASN A 260 -12.25 -10.54 21.73
C ASN A 260 -13.15 -11.70 22.11
N LYS A 261 -14.40 -11.66 21.69
CA LYS A 261 -15.34 -12.73 21.97
C LYS A 261 -15.17 -13.93 21.05
N GLY A 262 -14.41 -13.76 19.97
CA GLY A 262 -14.10 -14.85 19.06
C GLY A 262 -12.71 -15.39 19.29
N ASP A 263 -12.48 -16.63 18.87
CA ASP A 263 -11.23 -17.30 19.09
C ASP A 263 -10.17 -17.03 18.05
N GLY A 264 -10.49 -16.24 17.02
CA GLY A 264 -9.52 -15.92 15.99
C GLY A 264 -9.30 -16.98 14.94
N TRP A 265 -10.03 -18.10 15.03
CA TRP A 265 -9.90 -19.21 14.08
C TRP A 265 -11.07 -19.28 13.10
N ASP A 266 -11.73 -18.15 12.87
CA ASP A 266 -12.94 -18.06 12.10
C ASP A 266 -12.76 -18.21 10.60
N ARG A 267 -11.61 -17.86 10.05
CA ARG A 267 -11.46 -17.77 8.59
C ARG A 267 -11.07 -19.13 8.01
N PRO A 268 -11.88 -19.70 7.10
CA PRO A 268 -11.48 -20.96 6.43
CA PRO A 268 -11.48 -20.95 6.45
C PRO A 268 -10.37 -20.73 5.39
N ILE A 269 -9.67 -21.80 5.07
CA ILE A 269 -8.78 -21.79 3.90
C ILE A 269 -9.63 -22.04 2.63
N LEU A 270 -10.32 -23.17 2.63
CA LEU A 270 -11.32 -23.52 1.63
C LEU A 270 -12.65 -23.69 2.37
N ASP A 272 -15.94 -24.79 3.98
CA ASP A 272 -16.45 -26.14 4.27
CA ASP A 272 -16.44 -26.11 4.30
C ASP A 272 -17.95 -26.00 4.54
N GLU A 273 -18.33 -25.42 5.64
CA GLU A 273 -19.72 -25.32 6.00
C GLU A 273 -20.45 -24.12 5.46
N LYS A 274 -19.75 -23.00 5.29
CA LYS A 274 -20.42 -21.72 4.96
C LYS A 274 -19.64 -20.90 3.98
N VAL A 275 -20.41 -20.10 3.24
CA VAL A 275 -19.93 -18.90 2.59
C VAL A 275 -20.16 -17.73 3.51
N PHE A 276 -19.11 -16.93 3.72
CA PHE A 276 -19.17 -15.75 4.59
C PHE A 276 -19.14 -14.42 3.83
N GLN A 277 -18.63 -14.42 2.59
CA GLN A 277 -18.68 -13.22 1.73
C GLN A 277 -18.67 -13.67 0.29
N TYR A 278 -19.17 -12.79 -0.57
CA TYR A 278 -19.04 -13.00 -2.00
C TYR A 278 -17.57 -13.15 -2.34
N GLY A 279 -17.24 -14.13 -3.18
CA GLY A 279 -15.88 -14.37 -3.58
C GLY A 279 -15.14 -15.45 -2.83
N ASP A 280 -15.68 -15.88 -1.70
CA ASP A 280 -14.98 -16.94 -0.92
C ASP A 280 -14.62 -18.09 -1.83
N CYS A 281 -13.40 -18.57 -1.64
CA CYS A 281 -12.93 -19.71 -2.42
C CYS A 281 -13.42 -21.02 -1.82
N ILE A 282 -14.19 -21.74 -2.62
CA ILE A 282 -14.77 -23.02 -2.26
C ILE A 282 -13.95 -24.17 -2.84
N ALA A 283 -13.31 -23.99 -3.96
CA ALA A 283 -12.51 -25.06 -4.56
C ALA A 283 -11.45 -24.44 -5.46
N LEU A 284 -10.45 -25.25 -5.83
CA LEU A 284 -9.40 -24.86 -6.74
C LEU A 284 -9.38 -25.86 -7.88
N VAL A 285 -9.53 -25.40 -9.12
CA VAL A 285 -9.27 -26.26 -10.27
C VAL A 285 -7.79 -26.18 -10.61
N CYS A 286 -7.16 -27.33 -10.82
CA CYS A 286 -5.77 -27.41 -11.26
C CYS A 286 -5.75 -27.84 -12.71
N ALA A 287 -5.09 -27.09 -13.57
CA ALA A 287 -5.06 -27.40 -15.01
C ALA A 287 -3.72 -27.04 -15.62
N ASP A 288 -3.59 -27.31 -16.92
CA ASP A 288 -2.36 -27.04 -17.63
C ASP A 288 -2.15 -25.56 -17.95
N SER A 289 -3.18 -24.72 -17.79
CA SER A 289 -3.10 -23.30 -18.11
C SER A 289 -4.13 -22.57 -17.28
N GLU A 290 -3.86 -21.28 -17.04
CA GLU A 290 -4.83 -20.44 -16.37
C GLU A 290 -6.15 -20.43 -17.14
N ALA A 291 -6.08 -20.33 -18.48
CA ALA A 291 -7.32 -20.26 -19.26
C ALA A 291 -8.12 -21.57 -19.10
N ASN A 292 -7.46 -22.73 -19.17
CA ASN A 292 -8.22 -24.00 -19.05
C ASN A 292 -8.71 -24.17 -17.62
N ALA A 293 -7.97 -23.72 -16.61
CA ALA A 293 -8.44 -23.82 -15.24
C ALA A 293 -9.68 -22.98 -15.05
N ARG A 294 -9.65 -21.75 -15.56
CA ARG A 294 -10.79 -20.83 -15.40
C ARG A 294 -12.03 -21.37 -16.10
N ALA A 295 -11.84 -21.92 -17.31
CA ALA A 295 -13.00 -22.43 -18.04
C ALA A 295 -13.66 -23.57 -17.26
N ALA A 296 -12.84 -24.43 -16.66
CA ALA A 296 -13.36 -25.54 -15.91
C ALA A 296 -13.96 -25.12 -14.58
N ALA A 297 -13.39 -24.08 -13.94
CA ALA A 297 -13.94 -23.62 -12.67
C ALA A 297 -15.38 -23.16 -12.86
N GLU A 298 -15.71 -22.61 -14.02
CA GLU A 298 -17.08 -22.17 -14.32
C GLU A 298 -18.08 -23.33 -14.27
N LYS A 299 -17.59 -24.55 -14.43
CA LYS A 299 -18.45 -25.74 -14.48
C LYS A 299 -18.57 -26.50 -13.18
N VAL A 300 -17.81 -26.09 -12.15
CA VAL A 300 -17.95 -26.70 -10.84
C VAL A 300 -19.26 -26.18 -10.25
N LYS A 301 -20.08 -27.08 -9.77
CA LYS A 301 -21.42 -26.75 -9.25
C LYS A 301 -21.42 -26.80 -7.76
N VAL A 302 -21.76 -25.69 -7.12
CA VAL A 302 -21.85 -25.62 -5.67
C VAL A 302 -23.31 -25.52 -5.28
N ASP A 303 -23.72 -26.44 -4.42
CA ASP A 303 -25.08 -26.49 -3.90
C ASP A 303 -25.07 -25.77 -2.57
N LEU A 304 -25.80 -24.68 -2.52
CA LEU A 304 -25.81 -23.72 -1.40
CA LEU A 304 -25.84 -23.99 -1.26
C LEU A 304 -27.24 -23.45 -0.95
N GLU A 305 -27.38 -23.11 0.31
CA GLU A 305 -28.60 -22.55 0.87
C GLU A 305 -28.24 -21.09 1.21
N GLU A 306 -28.70 -20.14 0.38
CA GLU A 306 -28.37 -18.75 0.61
C GLU A 306 -29.04 -18.29 1.91
N LEU A 307 -28.29 -17.49 2.67
CA LEU A 307 -28.76 -16.89 3.92
C LEU A 307 -28.84 -15.38 3.78
N PRO A 308 -29.68 -14.72 4.59
CA PRO A 308 -29.67 -13.24 4.61
C PRO A 308 -28.30 -12.75 5.01
N ALA A 309 -27.81 -11.78 4.26
CA ALA A 309 -26.49 -11.24 4.44
C ALA A 309 -26.58 -9.88 5.09
N TYR A 310 -25.61 -9.60 5.96
CA TYR A 310 -25.50 -8.29 6.61
C TYR A 310 -24.39 -7.53 5.90
N MET A 311 -24.77 -6.48 5.16
CA MET A 311 -23.85 -5.83 4.24
C MET A 311 -23.30 -4.51 4.75
N SER A 312 -23.54 -4.21 6.03
CA SER A 312 -22.95 -3.05 6.68
C SER A 312 -22.81 -3.34 8.16
N GLY A 313 -21.98 -2.53 8.81
CA GLY A 313 -21.77 -2.66 10.24
C GLY A 313 -23.04 -2.50 11.04
N PRO A 314 -23.79 -1.39 10.82
CA PRO A 314 -25.00 -1.19 11.59
C PRO A 314 -25.97 -2.33 11.45
N ALA A 315 -26.09 -2.89 10.24
CA ALA A 315 -27.02 -4.00 10.06
C ALA A 315 -26.59 -5.21 10.87
N ALA A 316 -25.30 -5.56 10.81
CA ALA A 316 -24.81 -6.73 11.53
C ALA A 316 -24.82 -6.56 13.04
N ALA A 317 -24.70 -5.30 13.51
CA ALA A 317 -24.59 -5.00 14.93
C ALA A 317 -25.91 -4.90 15.62
N ALA A 318 -27.01 -4.98 14.90
CA ALA A 318 -28.29 -4.87 15.54
C ALA A 318 -28.45 -5.93 16.66
N GLU A 319 -29.15 -5.57 17.72
CA GLU A 319 -29.27 -6.45 18.89
C GLU A 319 -29.76 -7.85 18.48
N ASP A 320 -30.69 -7.90 17.51
CA ASP A 320 -31.29 -9.17 17.14
C ASP A 320 -30.70 -9.83 15.90
N ALA A 321 -29.56 -9.33 15.43
CA ALA A 321 -28.96 -9.90 14.22
C ALA A 321 -28.50 -11.34 14.46
N ILE A 322 -28.64 -12.16 13.42
CA ILE A 322 -28.21 -13.57 13.51
C ILE A 322 -26.68 -13.67 13.44
N GLU A 323 -26.10 -14.52 14.30
CA GLU A 323 -24.66 -14.65 14.35
C GLU A 323 -24.11 -15.28 13.08
N ILE A 324 -23.26 -14.54 12.39
CA ILE A 324 -22.58 -15.01 11.20
C ILE A 324 -21.69 -16.20 11.50
N HIS A 325 -20.97 -16.11 12.62
CA HIS A 325 -20.16 -17.21 13.15
C HIS A 325 -20.89 -17.78 14.33
N PRO A 326 -21.69 -18.84 14.12
CA PRO A 326 -22.53 -19.29 15.21
C PRO A 326 -21.70 -19.55 16.47
N GLY A 327 -22.16 -18.99 17.59
CA GLY A 327 -21.47 -19.06 18.87
C GLY A 327 -20.65 -17.85 19.23
N THR A 328 -20.46 -16.94 18.29
CA THR A 328 -19.78 -15.68 18.56
C THR A 328 -20.74 -14.53 18.18
N PRO A 329 -20.89 -13.55 19.08
CA PRO A 329 -21.72 -12.38 18.68
C PRO A 329 -21.10 -11.65 17.50
N ASN A 330 -21.93 -11.08 16.62
CA ASN A 330 -21.36 -10.31 15.53
C ASN A 330 -20.49 -9.17 16.02
N VAL A 331 -20.91 -8.48 17.10
CA VAL A 331 -20.03 -7.46 17.72
C VAL A 331 -19.12 -8.23 18.64
N TYR A 332 -17.89 -8.47 18.18
CA TYR A 332 -16.99 -9.39 18.85
C TYR A 332 -15.92 -8.70 19.67
N PHE A 333 -15.80 -7.38 19.61
CA PHE A 333 -14.76 -6.73 20.39
C PHE A 333 -15.18 -5.30 20.67
N GLU A 334 -14.79 -4.82 21.84
CA GLU A 334 -14.93 -3.42 22.18
C GLU A 334 -13.64 -2.92 22.83
N GLN A 335 -13.27 -1.68 22.50
CA GLN A 335 -12.11 -1.03 23.12
C GLN A 335 -12.55 0.31 23.68
N PRO A 336 -12.55 0.44 25.01
CA PRO A 336 -12.78 1.76 25.61
C PRO A 336 -11.54 2.63 25.54
N ILE A 337 -11.78 3.93 25.63
CA ILE A 337 -10.72 4.90 25.88
C ILE A 337 -11.22 5.76 27.05
N VAL A 338 -10.42 5.79 28.11
CA VAL A 338 -10.80 6.42 29.37
C VAL A 338 -9.58 7.19 29.84
N LYS A 339 -9.53 8.49 29.54
CA LYS A 339 -8.40 9.34 29.91
C LYS A 339 -8.95 10.47 30.79
N GLY A 340 -8.32 10.75 31.91
CA GLY A 340 -8.71 11.90 32.70
C GLY A 340 -10.09 11.76 33.28
N GLU A 341 -10.73 12.92 33.46
CA GLU A 341 -11.97 13.02 34.21
C GLU A 341 -13.18 12.71 33.36
N ASP A 342 -14.29 12.44 34.03
CA ASP A 342 -15.55 12.16 33.32
C ASP A 342 -15.88 13.34 32.41
N THR A 343 -16.28 13.05 31.18
CA THR A 343 -16.49 14.12 30.20
C THR A 343 -17.86 14.77 30.28
N GLY A 344 -18.86 14.07 30.81
CA GLY A 344 -20.19 14.64 30.81
C GLY A 344 -20.28 16.00 31.49
N PRO A 345 -19.71 16.11 32.68
CA PRO A 345 -19.79 17.42 33.37
C PRO A 345 -18.99 18.51 32.66
N ILE A 346 -17.92 18.12 32.01
CA ILE A 346 -17.09 19.06 31.29
C ILE A 346 -17.82 19.58 30.07
N PHE A 347 -18.47 18.69 29.32
CA PHE A 347 -19.31 19.16 28.20
C PHE A 347 -20.41 20.09 28.70
N ALA A 348 -21.02 19.76 29.84
CA ALA A 348 -22.14 20.55 30.31
C ALA A 348 -21.74 21.97 30.64
N SER A 349 -20.53 22.17 31.15
CA SER A 349 -20.09 23.50 31.58
C SER A 349 -19.18 24.21 30.60
N ALA A 350 -18.88 23.60 29.46
CA ALA A 350 -17.94 24.18 28.53
C ALA A 350 -18.55 25.37 27.81
N ASP A 351 -17.69 26.30 27.43
CA ASP A 351 -18.15 27.43 26.63
C ASP A 351 -18.74 26.99 25.29
N VAL A 352 -18.12 26.02 24.63
CA VAL A 352 -18.54 25.59 23.31
CA VAL A 352 -18.58 25.57 23.33
C VAL A 352 -18.42 24.07 23.20
N THR A 353 -19.39 23.45 22.55
CA THR A 353 -19.28 22.06 22.18
C THR A 353 -19.67 21.88 20.73
N VAL A 354 -19.11 20.85 20.11
CA VAL A 354 -19.51 20.45 18.75
C VAL A 354 -19.56 18.93 18.70
N GLU A 355 -20.35 18.41 17.76
CA GLU A 355 -20.50 16.96 17.55
C GLU A 355 -20.70 16.72 16.08
N GLY A 356 -20.25 15.57 15.60
CA GLY A 356 -20.56 15.16 14.26
C GLY A 356 -20.61 13.66 14.12
N ASP A 357 -21.35 13.24 13.10
CA ASP A 357 -21.40 11.85 12.65
C ASP A 357 -20.70 11.77 11.31
N PHE A 358 -19.72 10.88 11.22
CA PHE A 358 -18.84 10.80 10.06
C PHE A 358 -18.77 9.34 9.58
N TYR A 359 -18.38 9.17 8.33
CA TYR A 359 -18.21 7.83 7.76
C TYR A 359 -17.06 7.84 6.80
N VAL A 360 -16.20 6.83 6.91
CA VAL A 360 -15.18 6.51 5.93
C VAL A 360 -15.40 5.06 5.57
N GLY A 361 -15.36 4.75 4.27
CA GLY A 361 -15.81 3.49 3.76
C GLY A 361 -14.74 2.50 3.37
N ARG A 362 -15.14 1.60 2.46
CA ARG A 362 -14.44 0.36 2.20
C ARG A 362 -13.41 0.55 1.08
N GLN A 363 -12.43 1.38 1.35
CA GLN A 363 -11.51 1.80 0.27
C GLN A 363 -10.78 0.59 -0.29
N PRO A 364 -10.72 0.47 -1.63
CA PRO A 364 -9.99 -0.63 -2.25
C PRO A 364 -8.55 -0.23 -2.58
N HIS A 365 -7.62 -1.13 -2.28
CA HIS A 365 -6.21 -0.82 -2.41
C HIS A 365 -5.81 -0.47 -3.83
N MET A 366 -6.34 -1.21 -4.81
CA MET A 366 -6.12 -1.00 -6.25
C MET A 366 -4.63 -0.85 -6.60
N PRO A 367 -3.81 -1.84 -6.22
CA PRO A 367 -2.49 -1.92 -6.85
C PRO A 367 -2.66 -2.19 -8.33
N ILE A 368 -1.71 -1.79 -9.15
CA ILE A 368 -1.84 -2.07 -10.58
C ILE A 368 -1.72 -3.57 -10.86
N GLU A 369 -0.90 -4.28 -10.07
CA GLU A 369 -0.71 -5.74 -10.18
C GLU A 369 -1.73 -6.47 -9.32
N PRO A 370 -2.60 -7.29 -9.91
CA PRO A 370 -3.49 -8.11 -9.10
C PRO A 370 -2.77 -9.24 -8.42
N ASP A 371 -3.37 -9.75 -7.35
CA ASP A 371 -2.71 -10.73 -6.50
C ASP A 371 -2.30 -11.98 -7.27
N VAL A 372 -1.17 -12.53 -6.87
CA VAL A 372 -0.60 -13.69 -7.56
C VAL A 372 0.34 -14.39 -6.57
N ALA A 373 0.39 -15.71 -6.64
CA ALA A 373 1.29 -16.49 -5.78
C ALA A 373 1.53 -17.84 -6.43
N PHE A 374 2.57 -18.53 -5.97
CA PHE A 374 2.81 -19.89 -6.38
C PHE A 374 3.44 -20.67 -5.25
N ALA A 375 3.40 -22.00 -5.38
CA ALA A 375 3.96 -22.85 -4.35
C ALA A 375 4.46 -24.13 -4.98
N TYR A 376 5.31 -24.82 -4.26
CA TYR A 376 5.86 -26.10 -4.71
C TYR A 376 6.40 -26.85 -3.52
N MET A 377 6.57 -28.14 -3.71
CA MET A 377 7.27 -28.97 -2.76
C MET A 377 8.74 -28.99 -3.15
N GLY A 378 9.57 -28.57 -2.23
CA GLY A 378 11.00 -28.55 -2.46
C GLY A 378 11.58 -29.93 -2.43
N ASP A 379 12.81 -30.04 -2.92
CA ASP A 379 13.51 -31.33 -2.91
C ASP A 379 13.92 -31.71 -1.48
N ASP A 380 13.88 -30.72 -0.58
CA ASP A 380 14.15 -30.89 0.84
C ASP A 380 12.93 -31.31 1.64
N GLY A 381 11.80 -31.50 0.95
CA GLY A 381 10.55 -31.92 1.59
C GLY A 381 9.70 -30.78 2.16
N LYS A 382 10.19 -29.55 2.12
CA LYS A 382 9.42 -28.41 2.62
C LYS A 382 8.45 -27.91 1.53
N CYS A 383 7.41 -27.22 1.97
CA CYS A 383 6.53 -26.50 1.05
C CYS A 383 6.96 -25.05 0.98
N TYR A 384 7.23 -24.59 -0.24
CA TYR A 384 7.67 -23.22 -0.49
C TYR A 384 6.52 -22.44 -1.11
N ILE A 385 6.30 -21.24 -0.58
CA ILE A 385 5.29 -20.33 -1.11
C ILE A 385 5.98 -19.02 -1.46
N HIS A 386 5.73 -18.54 -2.67
CA HIS A 386 6.27 -17.27 -3.14
C HIS A 386 5.06 -16.40 -3.49
N SER A 387 4.93 -15.27 -2.81
CA SER A 387 3.72 -14.46 -2.91
C SER A 387 4.02 -13.00 -2.74
N LYS A 388 2.96 -12.20 -2.65
CA LYS A 388 3.06 -10.79 -2.33
C LYS A 388 3.02 -10.51 -0.81
N SER A 389 3.26 -11.54 0.01
CA SER A 389 3.29 -11.32 1.44
C SER A 389 4.24 -10.19 1.82
N ILE A 390 3.74 -9.30 2.68
CA ILE A 390 4.60 -8.28 3.27
C ILE A 390 4.93 -8.57 4.72
N GLY A 391 4.67 -9.81 5.14
CA GLY A 391 5.02 -10.29 6.48
C GLY A 391 5.23 -11.78 6.43
N VAL A 392 6.37 -12.20 5.87
CA VAL A 392 6.53 -13.60 5.56
C VAL A 392 6.53 -14.47 6.81
N HIS A 393 7.21 -14.02 7.87
CA HIS A 393 7.21 -14.79 9.11
C HIS A 393 5.82 -14.82 9.75
N LEU A 394 5.14 -13.68 9.76
CA LEU A 394 3.80 -13.57 10.29
C LEU A 394 2.88 -14.56 9.55
N HIS A 395 2.91 -14.53 8.22
CA HIS A 395 2.00 -15.38 7.49
C HIS A 395 2.28 -16.85 7.63
N LEU A 396 3.56 -17.20 7.79
CA LEU A 396 3.91 -18.60 8.04
C LEU A 396 3.11 -19.11 9.24
N TYR A 397 3.13 -18.35 10.34
CA TYR A 397 2.44 -18.79 11.54
C TYR A 397 0.93 -18.68 11.44
N MET A 398 0.43 -17.74 10.64
CA MET A 398 -1.00 -17.65 10.43
C MET A 398 -1.59 -18.82 9.66
N ILE A 399 -0.81 -19.44 8.78
CA ILE A 399 -1.34 -20.48 7.90
C ILE A 399 -0.87 -21.88 8.22
N ALA A 400 0.24 -22.04 8.95
CA ALA A 400 0.81 -23.39 9.08
C ALA A 400 -0.16 -24.39 9.73
N PRO A 401 -0.83 -24.02 10.83
CA PRO A 401 -1.76 -24.99 11.44
C PRO A 401 -2.89 -25.39 10.48
N GLY A 402 -3.33 -24.42 9.68
CA GLY A 402 -4.43 -24.66 8.79
C GLY A 402 -4.07 -25.56 7.64
N VAL A 403 -2.88 -25.39 7.08
CA VAL A 403 -2.44 -26.27 5.98
C VAL A 403 -1.88 -27.59 6.46
N GLY A 404 -1.59 -27.71 7.76
CA GLY A 404 -1.14 -28.97 8.32
C GLY A 404 0.34 -29.18 8.28
N LEU A 405 1.12 -28.14 8.41
CA LEU A 405 2.57 -28.22 8.46
C LEU A 405 3.14 -27.62 9.71
N GLU A 406 4.19 -28.23 10.22
CA GLU A 406 4.95 -27.59 11.26
C GLU A 406 5.70 -26.41 10.68
N PRO A 407 6.05 -25.43 11.51
CA PRO A 407 6.64 -24.23 10.95
C PRO A 407 7.92 -24.42 10.22
N ASP A 408 8.72 -25.39 10.60
CA ASP A 408 9.97 -25.62 9.90
C ASP A 408 9.82 -26.33 8.56
N GLN A 409 8.60 -26.75 8.24
CA GLN A 409 8.36 -27.46 6.99
C GLN A 409 7.70 -26.59 5.93
N LEU A 410 7.59 -25.30 6.20
CA LEU A 410 7.00 -24.33 5.28
C LEU A 410 8.02 -23.21 5.14
N VAL A 411 8.16 -22.67 3.94
CA VAL A 411 9.00 -21.51 3.70
C VAL A 411 8.20 -20.50 2.92
N LEU A 412 8.14 -19.27 3.40
CA LEU A 412 7.47 -18.18 2.64
C LEU A 412 8.54 -17.19 2.17
N VAL A 413 8.36 -16.77 0.91
CA VAL A 413 9.26 -15.87 0.21
C VAL A 413 8.40 -14.76 -0.40
N ALA A 414 8.88 -13.53 -0.33
CA ALA A 414 8.19 -12.38 -1.00
C ALA A 414 8.78 -12.24 -2.40
N ASN A 415 7.93 -12.41 -3.39
CA ASN A 415 8.27 -12.05 -4.77
C ASN A 415 8.41 -10.55 -4.89
N PRO A 416 9.13 -10.05 -5.90
CA PRO A 416 8.93 -8.67 -6.33
C PRO A 416 7.46 -8.46 -6.55
N MET A 417 6.93 -7.29 -6.16
CA MET A 417 5.49 -7.12 -6.20
C MET A 417 5.11 -5.70 -6.62
N GLY A 418 3.96 -5.62 -7.27
CA GLY A 418 3.44 -4.39 -7.84
C GLY A 418 2.50 -3.64 -6.93
N GLY A 419 2.91 -3.39 -5.69
CA GLY A 419 2.12 -2.66 -4.73
C GLY A 419 1.16 -3.50 -3.95
N THR A 420 0.89 -3.05 -2.72
CA THR A 420 -0.13 -3.64 -1.89
C THR A 420 -0.91 -2.63 -1.06
N PHE A 421 -0.21 -1.64 -0.51
CA PHE A 421 -0.84 -0.61 0.32
C PHE A 421 -1.54 -1.18 1.53
N GLY A 422 -1.12 -2.36 1.94
CA GLY A 422 -1.60 -3.01 3.16
C GLY A 422 -2.40 -4.26 2.94
N TYR A 423 -2.93 -4.51 1.74
CA TYR A 423 -3.83 -5.67 1.62
C TYR A 423 -3.05 -6.94 1.91
N LYS A 424 -1.74 -6.91 1.69
CA LYS A 424 -0.86 -8.04 1.95
C LYS A 424 -0.33 -8.13 3.36
N PHE A 425 -0.87 -7.35 4.29
CA PHE A 425 -0.75 -7.69 5.69
CA PHE A 425 -0.75 -7.69 5.71
C PHE A 425 -1.58 -8.92 6.02
N SER A 426 -2.57 -9.22 5.15
CA SER A 426 -3.36 -10.44 5.27
C SER A 426 -2.86 -11.51 4.32
N PRO A 427 -2.95 -12.78 4.74
CA PRO A 427 -2.94 -13.86 3.75
C PRO A 427 -4.04 -13.67 2.74
N THR A 428 -3.77 -13.99 1.47
CA THR A 428 -4.79 -13.98 0.42
C THR A 428 -4.76 -15.36 -0.21
N SER A 429 -3.72 -15.63 -0.99
CA SER A 429 -3.57 -16.81 -1.80
C SER A 429 -2.58 -17.82 -1.24
N GLU A 430 -1.87 -17.50 -0.17
CA GLU A 430 -0.77 -18.36 0.29
C GLU A 430 -1.25 -19.73 0.73
N ALA A 431 -2.32 -19.76 1.53
CA ALA A 431 -2.80 -21.05 2.00
C ALA A 431 -3.41 -21.85 0.86
N LEU A 432 -4.10 -21.19 -0.06
CA LEU A 432 -4.64 -21.86 -1.24
C LEU A 432 -3.54 -22.55 -2.04
N VAL A 433 -2.47 -21.82 -2.39
CA VAL A 433 -1.43 -22.46 -3.18
C VAL A 433 -0.71 -23.56 -2.37
N ALA A 434 -0.50 -23.37 -1.07
CA ALA A 434 0.12 -24.42 -0.28
C ALA A 434 -0.71 -25.70 -0.31
N VAL A 435 -2.02 -25.57 -0.11
CA VAL A 435 -2.85 -26.74 -0.07
C VAL A 435 -2.76 -27.49 -1.41
N ALA A 436 -2.79 -26.75 -2.52
CA ALA A 436 -2.71 -27.38 -3.81
C ALA A 436 -1.36 -28.02 -4.08
N ALA A 437 -0.27 -27.37 -3.71
CA ALA A 437 1.04 -27.96 -3.87
C ALA A 437 1.16 -29.24 -3.06
N MET A 438 0.69 -29.21 -1.82
CA MET A 438 0.77 -30.36 -0.95
C MET A 438 -0.08 -31.51 -1.47
N ALA A 439 -1.28 -31.21 -1.97
CA ALA A 439 -2.19 -32.26 -2.45
C ALA A 439 -1.71 -32.90 -3.71
N THR A 440 -1.21 -32.10 -4.63
CA THR A 440 -0.78 -32.61 -5.93
C THR A 440 0.66 -33.06 -5.97
N GLY A 441 1.49 -32.53 -5.11
CA GLY A 441 2.92 -32.72 -5.18
C GLY A 441 3.62 -31.92 -6.26
N ARG A 442 2.86 -31.12 -7.01
CA ARG A 442 3.36 -30.43 -8.18
C ARG A 442 3.47 -28.94 -7.90
N PRO A 443 4.30 -28.23 -8.65
CA PRO A 443 4.26 -26.76 -8.56
C PRO A 443 2.90 -26.26 -9.01
N VAL A 444 2.41 -25.22 -8.34
CA VAL A 444 1.13 -24.63 -8.65
C VAL A 444 1.27 -23.12 -8.68
N HIS A 445 0.47 -22.49 -9.53
CA HIS A 445 0.52 -21.03 -9.71
C HIS A 445 -0.90 -20.50 -9.79
N LEU A 446 -1.20 -19.46 -9.03
CA LEU A 446 -2.52 -18.84 -8.97
C LEU A 446 -2.43 -17.37 -9.21
N ARG A 447 -3.07 -16.89 -10.29
CA ARG A 447 -3.13 -15.48 -10.59
C ARG A 447 -4.57 -15.01 -10.51
N TYR A 448 -4.81 -13.98 -9.68
CA TYR A 448 -6.12 -13.34 -9.63
C TYR A 448 -6.24 -12.39 -10.82
N ASN A 449 -7.46 -12.30 -11.38
CA ASN A 449 -7.74 -11.19 -12.28
C ASN A 449 -8.16 -9.97 -11.50
N TYR A 450 -8.42 -8.86 -12.17
CA TYR A 450 -8.61 -7.64 -11.43
C TYR A 450 -9.93 -7.67 -10.66
N GLN A 451 -10.94 -8.34 -11.21
CA GLN A 451 -12.19 -8.44 -10.48
CA GLN A 451 -12.24 -8.52 -10.55
C GLN A 451 -12.03 -9.22 -9.20
N GLN A 452 -11.20 -10.25 -9.22
CA GLN A 452 -10.87 -11.01 -8.02
C GLN A 452 -10.01 -10.19 -7.05
N GLN A 453 -9.08 -9.40 -7.58
CA GLN A 453 -8.35 -8.46 -6.74
C GLN A 453 -9.30 -7.54 -5.99
N GLN A 454 -10.31 -7.05 -6.67
CA GLN A 454 -11.25 -6.14 -6.01
C GLN A 454 -12.20 -6.86 -5.07
N GLN A 455 -12.80 -7.98 -5.52
CA GLN A 455 -13.85 -8.63 -4.73
C GLN A 455 -13.31 -9.52 -3.62
N TYR A 456 -12.09 -10.04 -3.81
CA TYR A 456 -11.61 -11.16 -3.00
C TYR A 456 -10.19 -10.92 -2.51
N THR A 457 -9.88 -9.65 -2.22
CA THR A 457 -8.83 -9.33 -1.27
C THR A 457 -9.46 -8.40 -0.26
N GLY A 458 -8.83 -8.25 0.90
CA GLY A 458 -9.40 -7.45 1.95
C GLY A 458 -9.42 -5.97 1.62
N LYS A 459 -10.10 -5.21 2.47
CA LYS A 459 -10.37 -3.80 2.21
C LYS A 459 -10.12 -2.96 3.44
N ARG A 460 -9.95 -1.65 3.24
CA ARG A 460 -10.10 -0.75 4.39
C ARG A 460 -11.48 -1.02 4.99
N SER A 461 -11.54 -1.11 6.32
CA SER A 461 -12.80 -1.39 6.99
C SER A 461 -13.58 -0.12 7.21
N PRO A 462 -14.85 -0.06 6.80
CA PRO A 462 -15.65 1.13 7.08
C PRO A 462 -15.81 1.38 8.56
N TRP A 463 -15.76 2.66 8.94
CA TRP A 463 -16.11 3.09 10.30
C TRP A 463 -17.25 4.08 10.26
N GLU A 464 -18.28 3.81 11.08
CA GLU A 464 -19.33 4.76 11.41
C GLU A 464 -18.88 5.43 12.74
N MET A 465 -18.75 6.75 12.77
CA MET A 465 -18.15 7.45 13.89
C MET A 465 -19.00 8.61 14.36
N ASN A 466 -19.04 8.79 15.68
CA ASN A 466 -19.56 10.00 16.30
C ASN A 466 -18.46 10.54 17.17
N VAL A 467 -18.09 11.81 17.00
CA VAL A 467 -17.06 12.42 17.84
C VAL A 467 -17.59 13.77 18.29
N LYS A 468 -17.23 14.14 19.53
CA LYS A 468 -17.65 15.39 20.14
CA LYS A 468 -17.64 15.40 20.12
C LYS A 468 -16.45 16.07 20.80
N PHE A 469 -16.41 17.41 20.75
CA PHE A 469 -15.38 18.20 21.47
C PHE A 469 -16.09 19.20 22.38
N ALA A 470 -15.45 19.44 23.53
CA ALA A 470 -15.81 20.57 24.42
C ALA A 470 -14.58 21.45 24.52
N ALA A 471 -14.78 22.76 24.48
CA ALA A 471 -13.68 23.71 24.47
C ALA A 471 -14.05 25.01 25.16
N LYS A 472 -13.01 25.73 25.54
CA LYS A 472 -13.11 27.12 26.00
C LYS A 472 -13.33 28.05 24.79
N LYS A 473 -13.85 29.23 25.08
CA LYS A 473 -13.98 30.29 24.06
C LYS A 473 -12.66 30.58 23.35
N ASP A 474 -11.54 30.48 24.06
CA ASP A 474 -10.22 30.74 23.40
C ASP A 474 -9.75 29.59 22.55
N GLY A 475 -10.54 28.53 22.44
CA GLY A 475 -10.22 27.39 21.60
C GLY A 475 -9.54 26.24 22.31
N THR A 476 -9.21 26.38 23.58
CA THR A 476 -8.56 25.28 24.28
C THR A 476 -9.51 24.08 24.42
N LEU A 477 -9.07 22.93 23.91
CA LEU A 477 -9.85 21.72 24.07
C LEU A 477 -9.85 21.30 25.52
N LEU A 478 -11.02 20.91 25.98
CA LEU A 478 -11.23 20.41 27.34
C LEU A 478 -11.51 18.91 27.38
N ALA A 479 -12.27 18.40 26.41
CA ALA A 479 -12.69 17.03 26.48
C ALA A 479 -13.14 16.57 25.10
N MET A 480 -13.13 15.24 24.95
CA MET A 480 -13.61 14.60 23.74
C MET A 480 -14.40 13.36 24.14
N GLU A 481 -15.46 13.12 23.36
CA GLU A 481 -16.18 11.85 23.42
C GLU A 481 -16.14 11.22 22.04
N SER A 482 -16.07 9.90 22.00
CA SER A 482 -15.97 9.23 20.71
C SER A 482 -16.68 7.88 20.73
N ASP A 483 -17.28 7.53 19.58
CA ASP A 483 -17.90 6.22 19.40
C ASP A 483 -17.62 5.81 17.98
N TRP A 484 -17.17 4.57 17.77
CA TRP A 484 -16.88 4.11 16.41
C TRP A 484 -17.25 2.64 16.28
N LEU A 485 -17.79 2.31 15.11
CA LEU A 485 -18.21 0.95 14.77
C LEU A 485 -17.47 0.54 13.51
N VAL A 486 -16.66 -0.52 13.64
CA VAL A 486 -15.76 -0.98 12.58
C VAL A 486 -16.36 -2.21 11.92
N ASP A 487 -16.70 -2.08 10.63
CA ASP A 487 -17.22 -3.19 9.79
C ASP A 487 -16.04 -3.94 9.26
N HIS A 488 -15.78 -5.12 9.83
CA HIS A 488 -14.57 -5.83 9.48
C HIS A 488 -14.83 -7.00 8.50
N GLY A 489 -16.01 -7.07 7.92
CA GLY A 489 -16.36 -8.23 7.12
C GLY A 489 -16.27 -9.49 7.98
N PRO A 490 -16.09 -10.67 7.37
CA PRO A 490 -16.35 -11.88 8.16
C PRO A 490 -15.14 -12.43 8.86
N TYR A 491 -13.94 -11.92 8.56
CA TYR A 491 -12.72 -12.56 9.04
C TYR A 491 -12.01 -11.61 9.98
N SER A 492 -11.76 -12.12 11.19
CA SER A 492 -11.38 -11.29 12.31
C SER A 492 -9.96 -10.79 12.33
N GLU A 493 -9.05 -11.33 11.53
CA GLU A 493 -7.65 -11.01 11.68
C GLU A 493 -7.41 -9.52 11.80
N PHE A 494 -6.78 -9.13 12.91
CA PHE A 494 -6.37 -7.75 13.19
C PHE A 494 -7.52 -6.75 13.28
N GLY A 495 -8.75 -7.23 13.43
CA GLY A 495 -9.89 -6.31 13.52
C GLY A 495 -10.01 -5.62 14.86
N ASP A 496 -9.73 -6.37 15.93
CA ASP A 496 -9.66 -5.79 17.27
C ASP A 496 -8.56 -4.73 17.33
N LEU A 497 -7.38 -5.04 16.81
CA LEU A 497 -6.28 -4.08 16.77
C LEU A 497 -6.68 -2.81 16.00
N LEU A 498 -7.33 -2.98 14.85
CA LEU A 498 -7.77 -1.83 14.07
C LEU A 498 -8.70 -0.96 14.91
N THR A 499 -9.57 -1.61 15.66
CA THR A 499 -10.51 -0.87 16.51
C THR A 499 -9.77 -0.08 17.59
N LEU A 500 -8.74 -0.68 18.19
CA LEU A 500 -7.88 0.03 19.12
C LEU A 500 -7.24 1.27 18.53
N ARG A 501 -6.93 1.25 17.22
CA ARG A 501 -6.37 2.47 16.60
C ARG A 501 -7.26 3.69 16.82
N GLY A 502 -8.59 3.49 16.92
CA GLY A 502 -9.45 4.64 17.14
C GLY A 502 -9.27 5.28 18.49
N ALA A 503 -8.90 4.47 19.50
CA ALA A 503 -8.59 5.02 20.81
C ALA A 503 -7.29 5.83 20.77
N GLN A 504 -6.35 5.37 19.94
CA GLN A 504 -5.06 6.01 19.84
C GLN A 504 -5.08 7.28 18.99
N PHE A 505 -5.90 7.30 17.91
CA PHE A 505 -5.77 8.35 16.90
C PHE A 505 -6.94 9.28 16.71
N ILE A 506 -8.16 8.94 17.19
CA ILE A 506 -9.20 9.97 17.17
C ILE A 506 -8.73 11.11 18.07
N GLY A 507 -8.66 12.31 17.52
CA GLY A 507 -8.20 13.47 18.25
C GLY A 507 -6.72 13.60 18.41
N ALA A 508 -5.92 12.73 17.78
CA ALA A 508 -4.48 12.86 17.91
C ALA A 508 -4.02 14.21 17.32
N GLY A 509 -2.95 14.74 17.93
CA GLY A 509 -2.34 15.98 17.51
C GLY A 509 -2.40 17.07 18.58
N TYR A 510 -3.37 16.94 19.49
CA TYR A 510 -3.71 17.99 20.42
C TYR A 510 -3.67 17.54 21.85
N ASN A 511 -3.45 18.43 22.80
CA ASN A 511 -3.62 18.04 24.18
C ASN A 511 -5.11 17.97 24.53
N ILE A 512 -5.59 16.77 24.85
CA ILE A 512 -7.01 16.55 25.24
C ILE A 512 -6.98 15.82 26.56
N PRO A 513 -7.19 16.54 27.69
CA PRO A 513 -6.92 15.85 28.96
C PRO A 513 -7.95 14.81 29.35
N ASN A 514 -9.18 14.95 28.85
CA ASN A 514 -10.31 14.14 29.30
C ASN A 514 -11.00 13.53 28.08
N ILE A 515 -11.02 12.21 28.04
CA ILE A 515 -11.57 11.48 26.89
C ILE A 515 -12.42 10.34 27.42
N ARG A 516 -13.62 10.16 26.85
CA ARG A 516 -14.39 8.97 27.08
C ARG A 516 -14.91 8.50 25.73
N GLY A 517 -14.58 7.26 25.37
CA GLY A 517 -15.02 6.74 24.09
C GLY A 517 -15.06 5.23 24.07
N LEU A 518 -15.61 4.71 23.00
CA LEU A 518 -15.76 3.26 22.84
C LEU A 518 -15.78 2.90 21.35
N GLY A 519 -14.86 2.00 20.96
CA GLY A 519 -14.89 1.39 19.66
C GLY A 519 -15.44 -0.01 19.74
N ARG A 520 -16.13 -0.41 18.67
CA ARG A 520 -16.69 -1.73 18.58
CA ARG A 520 -16.71 -1.73 18.58
C ARG A 520 -16.37 -2.32 17.21
N THR A 521 -16.05 -3.61 17.19
CA THR A 521 -15.76 -4.33 15.96
C THR A 521 -16.92 -5.28 15.67
N VAL A 522 -17.39 -5.26 14.43
CA VAL A 522 -18.48 -6.13 14.02
C VAL A 522 -18.15 -6.91 12.76
N ALA A 523 -18.48 -8.20 12.82
CA ALA A 523 -18.42 -9.06 11.64
C ALA A 523 -19.61 -8.75 10.75
N THR A 524 -19.33 -8.70 9.44
CA THR A 524 -20.35 -8.55 8.42
C THR A 524 -20.06 -9.54 7.30
N ASN A 525 -20.94 -9.55 6.30
CA ASN A 525 -20.76 -10.33 5.11
C ASN A 525 -20.23 -9.54 3.92
N HIS A 526 -19.85 -8.27 4.14
CA HIS A 526 -19.12 -7.54 3.09
C HIS A 526 -17.63 -7.91 3.20
N VAL A 527 -16.78 -7.29 2.40
CA VAL A 527 -15.42 -7.80 2.29
C VAL A 527 -14.68 -7.72 3.61
N TRP A 528 -13.90 -8.75 3.90
CA TRP A 528 -13.11 -8.74 5.13
C TRP A 528 -12.10 -7.63 5.16
N GLY A 529 -11.80 -7.20 6.38
CA GLY A 529 -10.86 -6.12 6.55
C GLY A 529 -9.42 -6.56 6.47
N SER A 530 -8.68 -5.88 5.61
CA SER A 530 -7.22 -5.98 5.60
C SER A 530 -6.67 -4.58 5.76
N ALA A 531 -5.49 -4.48 6.36
CA ALA A 531 -4.89 -3.17 6.54
C ALA A 531 -4.91 -2.40 5.25
N PHE A 532 -5.18 -1.10 5.34
CA PHE A 532 -4.97 -0.19 4.22
C PHE A 532 -4.20 0.97 4.81
N ARG A 533 -3.03 1.22 4.26
CA ARG A 533 -2.17 2.37 4.54
C ARG A 533 -2.87 3.43 5.38
N GLY A 534 -2.44 3.51 6.63
CA GLY A 534 -3.04 4.39 7.61
C GLY A 534 -3.78 3.68 8.69
N TYR A 535 -4.34 2.51 8.38
CA TYR A 535 -4.85 1.51 9.31
C TYR A 535 -5.47 2.15 10.55
N GLY A 536 -6.68 2.67 10.36
CA GLY A 536 -7.42 3.29 11.43
C GLY A 536 -7.27 4.79 11.51
N ALA A 537 -6.12 5.35 11.13
CA ALA A 537 -5.99 6.80 11.17
C ALA A 537 -6.84 7.51 10.09
N PRO A 538 -6.96 6.98 8.87
CA PRO A 538 -7.79 7.68 7.89
C PRO A 538 -9.21 7.83 8.35
N GLN A 539 -9.73 6.82 9.02
CA GLN A 539 -11.07 6.90 9.61
C GLN A 539 -11.06 7.89 10.78
N SER A 540 -10.21 7.60 11.77
CA SER A 540 -10.18 8.36 13.02
C SER A 540 -9.97 9.83 12.78
N MET A 541 -8.96 10.15 12.00
CA MET A 541 -8.55 11.54 11.83
C MET A 541 -9.43 12.25 10.83
N PHE A 542 -10.13 11.54 9.94
CA PHE A 542 -11.17 12.21 9.19
C PHE A 542 -12.19 12.81 10.16
N ALA A 543 -12.64 12.00 11.11
CA ALA A 543 -13.63 12.50 12.08
C ALA A 543 -13.05 13.67 12.87
N SER A 544 -11.90 13.48 13.52
CA SER A 544 -11.45 14.54 14.41
C SER A 544 -10.98 15.78 13.68
N GLU A 545 -10.38 15.65 12.51
CA GLU A 545 -9.90 16.82 11.79
C GLU A 545 -11.03 17.60 11.13
N CYS A 546 -12.08 16.90 10.71
CA CYS A 546 -13.28 17.63 10.28
C CYS A 546 -13.92 18.33 11.47
N LEU A 547 -14.00 17.62 12.59
CA LEU A 547 -14.63 18.18 13.79
C LEU A 547 -13.84 19.39 14.29
N MET A 548 -12.52 19.40 14.14
CA MET A 548 -11.74 20.60 14.52
C MET A 548 -12.17 21.80 13.69
N ASP A 549 -12.39 21.62 12.38
CA ASP A 549 -12.87 22.75 11.59
C ASP A 549 -14.27 23.17 12.02
N MET A 550 -15.12 22.23 12.41
CA MET A 550 -16.45 22.58 12.90
C MET A 550 -16.35 23.38 14.18
N LEU A 551 -15.41 23.01 15.07
CA LEU A 551 -15.18 23.77 16.30
C LEU A 551 -14.70 25.16 15.97
N ALA A 552 -13.74 25.29 15.05
CA ALA A 552 -13.24 26.61 14.67
C ALA A 552 -14.38 27.46 14.14
N GLU A 553 -15.23 26.89 13.31
CA GLU A 553 -16.34 27.65 12.74
C GLU A 553 -17.28 28.12 13.86
N LYS A 554 -17.58 27.27 14.81
CA LYS A 554 -18.47 27.64 15.89
C LYS A 554 -17.89 28.71 16.79
N LEU A 555 -16.55 28.73 16.93
CA LEU A 555 -15.86 29.74 17.68
C LEU A 555 -15.60 31.03 16.89
N GLY A 556 -15.79 31.00 15.57
CA GLY A 556 -15.36 32.10 14.72
C GLY A 556 -13.86 32.27 14.67
N MET A 557 -13.14 31.16 14.78
CA MET A 557 -11.69 31.15 14.77
C MET A 557 -11.17 30.57 13.48
N ASP A 558 -9.99 31.02 13.07
CA ASP A 558 -9.35 30.44 11.93
C ASP A 558 -8.95 28.98 12.24
N PRO A 559 -9.17 28.03 11.31
CA PRO A 559 -8.93 26.63 11.67
C PRO A 559 -7.45 26.28 11.84
N LEU A 560 -6.54 26.97 11.15
CA LEU A 560 -5.13 26.76 11.40
C LEU A 560 -4.75 27.26 12.78
N GLU A 561 -5.29 28.43 13.17
CA GLU A 561 -4.97 28.97 14.48
C GLU A 561 -5.55 28.14 15.63
N LEU A 562 -6.74 27.55 15.43
CA LEU A 562 -7.28 26.67 16.46
C LEU A 562 -6.33 25.48 16.67
N ARG A 563 -5.80 24.94 15.58
CA ARG A 563 -4.84 23.87 15.70
C ARG A 563 -3.56 24.32 16.39
N TYR A 564 -3.08 25.51 16.03
CA TYR A 564 -1.88 26.03 16.67
C TYR A 564 -2.07 26.14 18.17
N LYS A 565 -3.24 26.57 18.61
CA LYS A 565 -3.53 26.74 20.04
C LYS A 565 -3.38 25.41 20.78
N ASN A 566 -3.80 24.31 20.14
CA ASN A 566 -3.97 23.03 20.83
C ASN A 566 -2.87 22.00 20.54
N ALA A 567 -2.02 22.28 19.55
CA ALA A 567 -1.04 21.26 19.11
C ALA A 567 -0.09 20.87 20.20
N TYR A 568 0.37 19.62 20.18
CA TYR A 568 1.26 19.09 21.22
C TYR A 568 2.45 20.00 21.46
N ARG A 569 2.68 20.27 22.75
CA ARG A 569 3.85 20.97 23.25
C ARG A 569 4.34 20.23 24.49
N PRO A 570 5.58 20.49 24.91
CA PRO A 570 6.12 19.80 26.08
C PRO A 570 5.17 19.87 27.27
N GLY A 571 4.96 18.72 27.88
CA GLY A 571 4.02 18.56 28.99
C GLY A 571 2.74 17.91 28.60
N ASP A 572 2.36 18.02 27.35
CA ASP A 572 1.14 17.43 26.86
C ASP A 572 1.25 15.92 26.73
N THR A 573 0.09 15.27 26.62
CA THR A 573 0.05 13.86 26.31
C THR A 573 -0.93 13.61 25.18
N ASN A 574 -0.70 12.50 24.47
CA ASN A 574 -1.57 12.06 23.40
C ASN A 574 -2.77 11.32 24.00
N PRO A 575 -3.68 10.80 23.16
CA PRO A 575 -4.90 10.22 23.71
C PRO A 575 -4.67 9.06 24.65
N THR A 576 -3.53 8.34 24.50
CA THR A 576 -3.28 7.21 25.36
C THR A 576 -2.46 7.57 26.58
N GLY A 577 -2.32 8.88 26.82
CA GLY A 577 -1.63 9.36 28.00
C GLY A 577 -0.13 9.40 27.94
N GLN A 578 0.42 9.22 26.74
CA GLN A 578 1.86 9.19 26.50
C GLN A 578 2.35 10.55 26.04
N GLU A 579 3.53 10.95 26.51
CA GLU A 579 4.15 12.16 26.02
C GLU A 579 4.69 11.94 24.62
N PRO A 580 4.40 12.86 23.69
CA PRO A 580 5.06 12.83 22.38
C PRO A 580 6.58 12.85 22.57
N GLU A 581 7.28 12.29 21.59
CA GLU A 581 8.73 12.16 21.65
C GLU A 581 9.46 13.38 21.08
N VAL A 582 8.80 14.09 20.17
CA VAL A 582 9.26 15.36 19.62
C VAL A 582 8.01 16.23 19.51
N PHE A 583 8.24 17.52 19.31
CA PHE A 583 7.17 18.52 19.32
C PHE A 583 7.35 19.43 18.11
N SER A 584 6.94 18.96 16.96
CA SER A 584 7.14 19.65 15.71
C SER A 584 5.89 20.30 15.10
N LEU A 585 4.71 20.06 15.68
CA LEU A 585 3.52 20.60 15.06
C LEU A 585 3.48 22.15 15.07
N PRO A 586 3.84 22.81 16.19
CA PRO A 586 3.84 24.27 16.14
C PRO A 586 4.80 24.83 15.09
N ASP A 587 5.98 24.23 14.96
CA ASP A 587 6.97 24.64 13.98
CA ASP A 587 6.93 24.69 13.93
C ASP A 587 6.38 24.50 12.55
N MET A 588 5.77 23.34 12.29
CA MET A 588 5.20 23.10 10.97
C MET A 588 4.06 24.10 10.68
N ILE A 589 3.21 24.36 11.66
CA ILE A 589 2.12 25.30 11.48
C ILE A 589 2.66 26.70 11.23
N ASP A 590 3.67 27.11 12.00
CA ASP A 590 4.24 28.44 11.81
C ASP A 590 4.83 28.56 10.39
N GLN A 591 5.49 27.49 9.91
CA GLN A 591 6.08 27.55 8.56
C GLN A 591 5.02 27.48 7.45
N LEU A 592 3.90 26.82 7.71
CA LEU A 592 2.80 26.76 6.75
C LEU A 592 1.98 28.04 6.69
N ARG A 593 1.90 28.75 7.84
CA ARG A 593 0.90 29.83 7.97
C ARG A 593 0.92 30.81 6.79
N PRO A 594 2.09 31.37 6.38
CA PRO A 594 2.00 32.37 5.30
C PRO A 594 1.56 31.73 3.97
N LYS A 595 1.90 30.47 3.75
CA LYS A 595 1.46 29.79 2.52
CA LYS A 595 1.46 29.79 2.53
C LYS A 595 -0.05 29.58 2.55
N TYR A 596 -0.58 29.25 3.71
CA TYR A 596 -2.03 29.12 3.93
C TYR A 596 -2.72 30.45 3.70
N GLN A 597 -2.18 31.54 4.26
CA GLN A 597 -2.81 32.84 4.05
C GLN A 597 -2.78 33.22 2.57
N ALA A 598 -1.65 32.98 1.90
CA ALA A 598 -1.56 33.27 0.45
C ALA A 598 -2.57 32.41 -0.34
N ALA A 599 -2.73 31.16 0.06
CA ALA A 599 -3.68 30.28 -0.62
C ALA A 599 -5.10 30.79 -0.42
N LEU A 600 -5.43 31.26 0.78
CA LEU A 600 -6.77 31.81 1.00
C LEU A 600 -7.01 32.99 0.07
N GLU A 601 -6.03 33.88 -0.02
CA GLU A 601 -6.18 35.05 -0.89
C GLU A 601 -6.33 34.67 -2.36
N LYS A 602 -5.58 33.70 -2.81
CA LYS A 602 -5.68 33.21 -4.19
C LYS A 602 -7.06 32.64 -4.41
N ALA A 603 -7.56 31.85 -3.46
CA ALA A 603 -8.87 31.25 -3.61
C ALA A 603 -9.96 32.29 -3.74
N GLN A 604 -9.89 33.32 -2.93
CA GLN A 604 -10.87 34.40 -3.05
C GLN A 604 -10.78 35.10 -4.41
N LYS A 605 -9.55 35.40 -4.87
CA LYS A 605 -9.36 36.13 -6.14
C LYS A 605 -9.80 35.35 -7.36
N GLU A 606 -9.59 34.04 -7.33
CA GLU A 606 -9.74 33.23 -8.52
C GLU A 606 -11.08 32.51 -8.56
N SER A 607 -11.85 32.60 -7.47
CA SER A 607 -13.20 32.04 -7.46
C SER A 607 -14.07 32.80 -8.48
N THR A 608 -15.02 32.10 -9.07
CA THR A 608 -15.98 32.73 -9.97
C THR A 608 -17.36 32.33 -9.50
N ALA A 609 -18.38 32.79 -10.19
CA ALA A 609 -19.73 32.46 -9.74
C ALA A 609 -20.04 30.96 -9.72
N THR A 610 -19.42 30.24 -10.63
CA THR A 610 -19.67 28.83 -10.82
C THR A 610 -18.56 27.95 -10.28
N HIS A 611 -17.33 28.47 -10.16
CA HIS A 611 -16.22 27.66 -9.73
C HIS A 611 -15.62 28.26 -8.48
N LYS A 612 -15.98 27.65 -7.36
CA LYS A 612 -15.63 28.17 -6.06
CA LYS A 612 -15.66 28.16 -6.04
C LYS A 612 -14.41 27.49 -5.51
N LYS A 613 -13.43 28.30 -5.10
CA LYS A 613 -12.16 27.79 -4.59
CA LYS A 613 -12.16 27.80 -4.60
C LYS A 613 -12.11 27.88 -3.08
N GLY A 614 -11.43 26.91 -2.49
CA GLY A 614 -11.29 26.86 -1.05
C GLY A 614 -9.98 26.23 -0.64
N VAL A 615 -9.66 26.42 0.63
CA VAL A 615 -8.43 25.91 1.22
C VAL A 615 -8.78 25.21 2.51
N GLY A 616 -8.23 24.04 2.73
CA GLY A 616 -8.48 23.26 3.92
C GLY A 616 -7.19 22.75 4.55
N ILE A 617 -7.24 22.61 5.86
CA ILE A 617 -6.09 22.16 6.66
C ILE A 617 -6.48 20.90 7.42
N SER A 618 -5.47 20.08 7.70
CA SER A 618 -5.62 19.03 8.70
C SER A 618 -4.25 18.68 9.23
N ILE A 619 -4.26 18.02 10.39
CA ILE A 619 -3.05 17.42 10.99
C ILE A 619 -3.14 15.91 10.83
N GLY A 620 -1.97 15.28 10.68
CA GLY A 620 -1.91 13.82 10.72
C GLY A 620 -0.83 13.37 11.69
N VAL A 621 -1.10 12.24 12.32
CA VAL A 621 -0.18 11.58 13.26
C VAL A 621 -0.34 10.10 13.06
N TYR A 622 0.76 9.35 13.14
CA TYR A 622 0.64 7.89 13.18
C TYR A 622 1.89 7.31 13.81
N GLY A 623 1.79 6.13 14.38
CA GLY A 623 2.96 5.46 14.94
C GLY A 623 3.85 4.85 13.87
N SER A 624 5.13 4.70 14.22
CA SER A 624 6.07 3.88 13.46
C SER A 624 6.42 2.69 14.34
N GLY A 625 5.85 1.54 13.97
CA GLY A 625 5.97 0.34 14.77
C GLY A 625 4.70 -0.44 14.83
N LEU A 626 4.85 -1.69 15.24
CA LEU A 626 3.75 -2.47 15.78
CA LEU A 626 3.67 -2.35 15.75
C LEU A 626 3.67 -2.15 17.27
N ASP A 627 2.49 -2.29 17.86
CA ASP A 627 2.29 -1.84 19.23
C ASP A 627 3.20 -2.56 20.21
N GLY A 628 3.62 -1.85 21.23
CA GLY A 628 4.41 -2.45 22.28
C GLY A 628 5.87 -2.54 21.87
N PRO A 629 6.63 -3.38 22.57
CA PRO A 629 8.09 -3.41 22.40
C PRO A 629 8.47 -4.23 21.16
N ASP A 630 8.17 -3.65 20.02
CA ASP A 630 8.46 -4.21 18.72
C ASP A 630 9.97 -4.37 18.56
N ALA A 631 10.39 -5.21 17.63
CA ALA A 631 11.79 -5.54 17.50
C ALA A 631 12.09 -5.99 16.08
N SER A 632 13.38 -5.97 15.74
CA SER A 632 13.83 -6.50 14.47
C SER A 632 15.25 -7.04 14.64
N GLU A 633 15.71 -7.67 13.56
CA GLU A 633 17.01 -8.31 13.51
C GLU A 633 17.53 -8.21 12.09
N ALA A 634 18.85 -8.09 11.96
CA ALA A 634 19.55 -8.05 10.70
C ALA A 634 20.87 -8.76 10.88
N TRP A 635 21.41 -9.25 9.79
CA TRP A 635 22.76 -9.81 9.78
C TRP A 635 23.63 -9.05 8.81
N ALA A 636 24.79 -8.58 9.22
CA ALA A 636 25.70 -7.86 8.34
C ALA A 636 26.87 -8.78 8.04
N GLU A 637 27.09 -9.07 6.77
CA GLU A 637 28.09 -10.06 6.38
C GLU A 637 29.08 -9.51 5.38
N LEU A 638 30.36 -9.64 5.72
CA LEU A 638 31.43 -9.36 4.81
C LEU A 638 31.62 -10.59 3.93
N ASN A 639 31.46 -10.40 2.62
CA ASN A 639 31.62 -11.45 1.64
C ASN A 639 33.06 -11.55 1.14
N ALA A 640 33.39 -12.68 0.54
CA ALA A 640 34.75 -12.94 0.11
C ALA A 640 35.24 -11.89 -0.86
N ASP A 641 34.31 -11.38 -1.68
CA ASP A 641 34.66 -10.38 -2.65
C ASP A 641 34.69 -8.93 -2.14
N GLY A 642 34.56 -8.74 -0.82
CA GLY A 642 34.60 -7.42 -0.21
C GLY A 642 33.29 -6.69 -0.20
N THR A 643 32.27 -7.22 -0.87
CA THR A 643 30.92 -6.69 -0.70
C THR A 643 30.38 -7.08 0.66
N ILE A 644 29.32 -6.37 1.06
CA ILE A 644 28.65 -6.61 2.32
C ILE A 644 27.18 -6.90 2.03
N THR A 645 26.70 -8.02 2.52
CA THR A 645 25.26 -8.34 2.45
C THR A 645 24.62 -8.06 3.79
N VAL A 646 23.53 -7.30 3.71
CA VAL A 646 22.75 -6.98 4.89
C VAL A 646 21.45 -7.80 4.77
N HIS A 647 21.41 -8.87 5.55
CA HIS A 647 20.34 -9.84 5.52
C HIS A 647 19.21 -9.37 6.41
N THR A 648 18.03 -9.18 5.79
CA THR A 648 16.80 -8.81 6.49
C THR A 648 15.63 -9.46 5.78
N ALA A 649 14.50 -9.45 6.47
CA ALA A 649 13.21 -9.72 5.85
C ALA A 649 12.42 -8.44 5.68
N TRP A 650 13.03 -7.35 5.25
CA TRP A 650 12.30 -6.09 5.01
C TRP A 650 11.50 -6.24 3.73
N GLU A 651 10.19 -6.44 3.85
CA GLU A 651 9.40 -6.75 2.69
C GLU A 651 9.15 -5.50 1.86
N ASP A 652 9.32 -5.64 0.55
CA ASP A 652 9.18 -4.51 -0.36
C ASP A 652 7.86 -4.57 -1.09
N HIS A 653 6.91 -3.74 -0.64
CA HIS A 653 5.70 -3.48 -1.41
C HIS A 653 6.02 -2.73 -2.70
N GLY A 654 7.20 -2.09 -2.74
CA GLY A 654 7.55 -1.06 -3.68
C GLY A 654 7.94 0.26 -3.04
N GLN A 655 7.80 0.35 -1.72
CA GLN A 655 8.13 1.56 -1.00
C GLN A 655 9.61 1.89 -0.98
N GLY A 656 10.46 0.86 -1.10
CA GLY A 656 11.89 1.07 -1.06
C GLY A 656 12.65 0.28 0.00
N ALA A 657 12.29 -0.97 0.24
CA ALA A 657 13.06 -1.76 1.19
C ALA A 657 14.51 -1.89 0.79
N ASP A 658 14.78 -1.96 -0.51
CA ASP A 658 16.11 -2.07 -1.03
C ASP A 658 16.99 -0.84 -0.66
N ILE A 659 16.47 0.36 -0.97
CA ILE A 659 17.22 1.56 -0.68
C ILE A 659 17.23 1.88 0.80
N GLY A 660 16.17 1.56 1.53
CA GLY A 660 16.24 1.73 2.95
C GLY A 660 17.35 0.91 3.56
N CYS A 661 17.49 -0.32 3.10
CA CYS A 661 18.58 -1.17 3.61
C CYS A 661 19.94 -0.60 3.24
N VAL A 662 20.12 -0.30 1.95
CA VAL A 662 21.42 0.18 1.49
C VAL A 662 21.79 1.51 2.13
N GLY A 663 20.86 2.46 2.18
CA GLY A 663 21.17 3.75 2.74
C GLY A 663 21.47 3.71 4.21
N THR A 664 20.70 2.93 4.97
CA THR A 664 20.91 2.82 6.40
C THR A 664 22.26 2.14 6.68
N ALA A 665 22.51 1.06 5.95
CA ALA A 665 23.77 0.35 6.13
C ALA A 665 24.96 1.21 5.71
N HIS A 666 24.81 1.96 4.63
CA HIS A 666 25.90 2.81 4.19
C HIS A 666 26.30 3.80 5.27
N GLU A 667 25.29 4.42 5.87
CA GLU A 667 25.55 5.40 6.94
C GLU A 667 26.23 4.72 8.12
N ALA A 668 25.76 3.55 8.50
CA ALA A 668 26.34 2.84 9.65
C ALA A 668 27.75 2.34 9.36
N LEU A 669 28.06 2.08 8.10
CA LEU A 669 29.34 1.52 7.70
C LEU A 669 30.37 2.58 7.33
N ARG A 670 30.02 3.87 7.45
CA ARG A 670 30.91 4.92 6.99
C ARG A 670 32.32 4.85 7.58
N PRO A 671 32.49 4.46 8.87
CA PRO A 671 33.86 4.43 9.39
C PRO A 671 34.78 3.51 8.60
N MET A 672 34.21 2.49 7.95
CA MET A 672 34.98 1.54 7.16
C MET A 672 35.01 1.88 5.68
N GLY A 673 34.32 2.95 5.29
CA GLY A 673 34.47 3.46 3.93
C GLY A 673 33.85 2.56 2.87
N VAL A 674 32.65 2.05 3.15
CA VAL A 674 32.01 1.08 2.25
C VAL A 674 31.17 1.81 1.16
N ALA A 675 31.49 1.59 -0.11
CA ALA A 675 30.74 2.22 -1.21
C ALA A 675 29.33 1.65 -1.30
N PRO A 676 28.35 2.46 -1.69
CA PRO A 676 26.96 1.97 -1.64
C PRO A 676 26.71 0.81 -2.59
N GLU A 677 27.38 0.79 -3.74
CA GLU A 677 27.16 -0.29 -4.66
C GLU A 677 27.72 -1.64 -4.18
N LYS A 678 28.52 -1.61 -3.11
CA LYS A 678 29.02 -2.83 -2.50
C LYS A 678 28.10 -3.44 -1.45
N ILE A 679 26.97 -2.80 -1.19
CA ILE A 679 26.05 -3.23 -0.17
C ILE A 679 24.86 -3.90 -0.82
N LYS A 680 24.62 -5.14 -0.44
CA LYS A 680 23.55 -5.97 -1.00
CA LYS A 680 23.55 -5.96 -1.01
C LYS A 680 22.44 -6.17 0.00
N PHE A 681 21.22 -6.27 -0.51
CA PHE A 681 20.04 -6.55 0.32
C PHE A 681 19.57 -7.95 -0.03
N THR A 682 18.67 -8.47 0.82
CA THR A 682 18.12 -9.79 0.61
C THR A 682 16.61 -9.75 0.48
N TRP A 683 16.09 -10.51 -0.47
CA TRP A 683 14.65 -10.65 -0.59
C TRP A 683 14.14 -11.48 0.61
N PRO A 684 12.97 -11.20 1.15
CA PRO A 684 12.49 -11.88 2.35
C PRO A 684 12.25 -13.35 2.11
N ASN A 685 12.70 -14.17 3.08
CA ASN A 685 12.61 -15.63 2.97
C ASN A 685 12.64 -16.16 4.40
N THR A 686 11.62 -16.87 4.83
CA THR A 686 11.55 -17.27 6.23
C THR A 686 12.63 -18.25 6.65
N ALA A 687 13.20 -18.98 5.69
CA ALA A 687 14.24 -19.94 6.02
C ALA A 687 15.61 -19.30 6.14
N THR A 688 15.90 -18.24 5.38
CA THR A 688 17.25 -17.78 5.21
C THR A 688 17.46 -16.29 5.56
N THR A 689 16.43 -15.60 6.05
CA THR A 689 16.55 -14.22 6.49
C THR A 689 15.95 -14.15 7.88
N PRO A 690 16.42 -13.21 8.70
CA PRO A 690 15.92 -13.11 10.07
C PRO A 690 14.50 -12.54 10.12
N ASN A 691 13.85 -12.75 11.27
CA ASN A 691 12.50 -12.24 11.50
C ASN A 691 12.53 -10.74 11.77
N SER A 692 12.66 -9.96 10.70
CA SER A 692 12.66 -8.51 10.81
C SER A 692 11.27 -7.95 11.03
N GLY A 693 10.25 -8.77 10.79
CA GLY A 693 8.86 -8.38 10.96
C GLY A 693 8.26 -7.86 9.70
N PRO A 694 6.97 -7.58 9.74
CA PRO A 694 6.24 -7.17 8.55
C PRO A 694 6.49 -5.74 8.19
N SER A 695 6.27 -5.45 6.91
CA SER A 695 6.26 -4.05 6.44
C SER A 695 4.86 -3.50 6.61
N GLY A 696 4.49 -3.27 7.87
CA GLY A 696 3.22 -2.66 8.24
C GLY A 696 3.45 -1.73 9.40
N GLY A 697 2.55 -0.78 9.60
CA GLY A 697 2.73 0.16 10.69
C GLY A 697 3.89 1.13 10.50
N SER A 698 4.28 1.38 9.25
CA SER A 698 5.29 2.37 8.97
C SER A 698 6.50 2.16 9.85
N ARG A 699 6.92 0.88 9.94
CA ARG A 699 7.83 0.45 11.00
C ARG A 699 9.23 0.08 10.55
N GLN A 700 9.44 -0.22 9.27
CA GLN A 700 10.69 -0.89 8.92
C GLN A 700 11.89 0.04 9.03
N GLN A 701 11.77 1.26 8.53
CA GLN A 701 12.89 2.17 8.68
C GLN A 701 13.32 2.33 10.13
N VAL A 702 12.36 2.40 11.06
CA VAL A 702 12.71 2.51 12.47
C VAL A 702 13.25 1.19 13.01
N MET A 703 12.47 0.13 12.88
CA MET A 703 12.80 -1.13 13.57
C MET A 703 13.92 -1.87 12.88
N THR A 704 13.72 -2.17 11.59
CA THR A 704 14.75 -2.83 10.81
C THR A 704 15.90 -1.88 10.51
N GLY A 705 15.66 -0.59 10.32
CA GLY A 705 16.77 0.31 10.18
C GLY A 705 17.65 0.33 11.41
N ASN A 706 17.05 0.36 12.60
CA ASN A 706 17.89 0.24 13.81
C ASN A 706 18.62 -1.10 13.86
N ALA A 707 17.94 -2.20 13.51
CA ALA A 707 18.61 -3.51 13.55
C ALA A 707 19.78 -3.54 12.57
N ILE A 708 19.58 -2.98 11.37
CA ILE A 708 20.67 -2.87 10.40
C ILE A 708 21.80 -2.03 10.95
N ARG A 709 21.48 -0.89 11.55
CA ARG A 709 22.50 -0.03 12.14
C ARG A 709 23.32 -0.82 13.18
N VAL A 710 22.64 -1.49 14.08
CA VAL A 710 23.32 -2.28 15.12
C VAL A 710 24.17 -3.39 14.52
N ALA A 711 23.62 -4.12 13.54
CA ALA A 711 24.37 -5.19 12.90
C ALA A 711 25.64 -4.64 12.24
N CYS A 712 25.50 -3.52 11.55
CA CYS A 712 26.66 -2.91 10.91
C CYS A 712 27.68 -2.40 11.93
N GLU A 713 27.22 -1.77 12.99
CA GLU A 713 28.13 -1.39 14.09
C GLU A 713 28.87 -2.63 14.60
N ASN A 714 28.15 -3.74 14.74
CA ASN A 714 28.77 -4.94 15.23
C ASN A 714 29.76 -5.52 14.21
N LEU A 715 29.45 -5.43 12.92
CA LEU A 715 30.41 -5.84 11.88
C LEU A 715 31.65 -4.96 11.93
N LEU A 716 31.50 -3.66 12.11
CA LEU A 716 32.66 -2.77 12.24
C LEU A 716 33.55 -3.26 13.38
N LYS A 717 32.94 -3.55 14.54
CA LYS A 717 33.72 -4.04 15.68
CA LYS A 717 33.72 -4.03 15.69
C LYS A 717 34.45 -5.32 15.33
N ALA A 718 33.76 -6.23 14.64
CA ALA A 718 34.31 -7.52 14.21
C ALA A 718 35.50 -7.33 13.24
N CYS A 719 35.51 -6.23 12.49
CA CYS A 719 36.55 -5.92 11.52
C CYS A 719 37.68 -5.03 12.04
N GLU A 720 37.49 -4.38 13.18
CA GLU A 720 38.47 -3.42 13.66
C GLU A 720 39.82 -4.08 13.93
N LYS A 721 40.87 -3.43 13.44
CA LYS A 721 42.24 -3.87 13.71
C LYS A 721 42.73 -3.17 14.94
N PRO A 722 43.51 -3.96 15.74
N PRO A 722 43.40 -3.84 15.90
CA PRO A 722 44.42 -3.46 16.71
CA PRO A 722 43.60 -3.21 17.25
C PRO A 722 45.37 -2.50 16.02
C PRO A 722 44.15 -1.75 17.34
N GLY A 723 45.30 -1.28 16.54
N GLY A 723 45.11 -1.47 16.47
CA GLY A 723 46.13 -0.17 16.13
CA GLY A 723 45.80 -0.16 16.46
C GLY A 723 45.40 0.79 15.21
C GLY A 723 45.33 0.76 15.33
N GLY A 724 44.20 0.43 14.75
CA GLY A 724 43.50 1.30 13.82
C GLY A 724 43.32 0.63 12.48
N GLY A 725 42.27 1.03 11.79
CA GLY A 725 41.97 0.43 10.50
C GLY A 725 41.09 -0.79 10.66
N TYR A 726 40.94 -1.49 9.56
CA TYR A 726 40.02 -2.60 9.47
C TYR A 726 40.68 -3.74 8.73
N TYR A 727 40.45 -4.93 9.24
CA TYR A 727 40.83 -6.16 8.57
C TYR A 727 39.99 -6.41 7.31
N THR A 728 40.63 -6.97 6.28
CA THR A 728 39.91 -7.47 5.11
C THR A 728 39.31 -8.83 5.39
N TYR A 729 38.45 -9.30 4.49
CA TYR A 729 37.87 -10.64 4.58
C TYR A 729 38.94 -11.70 4.69
N ASP A 730 39.95 -11.61 3.83
CA ASP A 730 41.00 -12.61 3.84
C ASP A 730 41.73 -12.64 5.18
N GLU A 731 41.98 -11.46 5.76
CA GLU A 731 42.64 -11.38 7.06
C GLU A 731 41.78 -12.02 8.16
N LEU A 732 40.48 -11.78 8.12
CA LEU A 732 39.57 -12.37 9.10
C LEU A 732 39.45 -13.87 8.97
N LYS A 733 39.30 -14.37 7.75
CA LYS A 733 39.20 -15.82 7.58
C LYS A 733 40.50 -16.51 7.97
N ALA A 734 41.64 -15.89 7.70
CA ALA A 734 42.94 -16.46 8.11
C ALA A 734 43.09 -16.58 9.64
N ALA A 735 42.42 -15.67 10.35
CA ALA A 735 42.41 -15.67 11.80
C ALA A 735 41.24 -16.51 12.37
N ASP A 736 40.51 -17.22 11.49
CA ASP A 736 39.32 -17.99 11.86
C ASP A 736 38.32 -17.11 12.64
N LYS A 737 38.17 -15.86 12.22
CA LYS A 737 37.27 -14.89 12.85
C LYS A 737 35.93 -14.79 12.08
N PRO A 738 34.85 -14.46 12.78
CA PRO A 738 33.54 -14.39 12.14
C PRO A 738 33.42 -13.22 11.14
N THR A 739 32.65 -13.49 10.09
CA THR A 739 32.39 -12.51 9.05
C THR A 739 30.92 -12.17 8.86
N LYS A 740 30.03 -12.92 9.50
CA LYS A 740 28.58 -12.69 9.43
C LYS A 740 28.11 -12.38 10.85
N ILE A 741 27.61 -11.16 11.07
CA ILE A 741 27.43 -10.64 12.39
C ILE A 741 26.00 -10.18 12.60
N THR A 742 25.39 -10.60 13.71
CA THR A 742 24.00 -10.22 13.99
C THR A 742 23.89 -8.88 14.71
N GLY A 743 22.76 -8.24 14.44
CA GLY A 743 22.30 -7.11 15.25
C GLY A 743 20.81 -7.22 15.48
N ASN A 744 20.41 -6.77 16.66
CA ASN A 744 19.01 -6.75 17.06
C ASN A 744 18.70 -5.38 17.64
N TRP A 745 17.42 -5.00 17.57
CA TRP A 745 16.97 -3.80 18.24
C TRP A 745 15.53 -3.96 18.66
N THR A 746 15.20 -3.44 19.83
CA THR A 746 13.86 -3.47 20.38
C THR A 746 13.44 -2.10 20.86
N ALA A 747 12.18 -1.76 20.62
CA ALA A 747 11.56 -0.52 21.12
C ALA A 747 11.18 -0.70 22.59
N SER A 748 12.19 -0.83 23.43
CA SER A 748 12.02 -1.19 24.84
CA SER A 748 11.94 -1.25 24.81
C SER A 748 11.14 -0.24 25.63
N GLY A 749 11.13 1.03 25.24
CA GLY A 749 10.21 1.92 25.98
C GLY A 749 8.68 1.80 25.80
N ALA A 750 8.22 0.92 24.93
CA ALA A 750 6.82 0.90 24.56
C ALA A 750 6.04 -0.11 25.37
N THR A 751 4.75 0.18 25.54
CA THR A 751 3.82 -0.68 26.25
C THR A 751 2.53 -0.76 25.45
N HIS A 752 1.88 -1.92 25.52
CA HIS A 752 0.58 -2.10 24.90
C HIS A 752 -0.49 -1.30 25.63
N CYS A 753 -1.45 -0.79 24.89
CA CYS A 753 -2.58 -0.11 25.47
C CYS A 753 -3.45 -1.03 26.29
N ASP A 754 -3.94 -0.53 27.41
CA ASP A 754 -4.74 -1.32 28.35
C ASP A 754 -6.11 -1.66 27.78
N ALA A 755 -6.58 -2.86 28.09
CA ALA A 755 -7.85 -3.34 27.58
C ALA A 755 -9.04 -2.61 28.17
N VAL A 756 -8.90 -2.03 29.36
CA VAL A 756 -9.99 -1.34 30.04
C VAL A 756 -9.98 0.18 29.75
N THR A 757 -8.80 0.79 29.76
CA THR A 757 -8.71 2.24 29.64
C THR A 757 -8.19 2.74 28.31
N GLY A 758 -7.57 1.86 27.53
CA GLY A 758 -6.89 2.30 26.29
C GLY A 758 -5.58 3.02 26.48
N LEU A 759 -5.16 3.22 27.73
CA LEU A 759 -3.94 4.00 27.97
C LEU A 759 -2.69 3.15 27.82
N GLY A 760 -1.60 3.78 27.41
CA GLY A 760 -0.33 3.08 27.22
C GLY A 760 0.60 3.90 26.38
N LYS A 761 1.73 3.28 26.03
CA LYS A 761 2.81 3.93 25.29
C LYS A 761 3.09 3.07 24.05
N PRO A 762 2.15 2.99 23.10
CA PRO A 762 2.20 1.89 22.15
C PRO A 762 3.36 1.97 21.15
N PHE A 763 3.82 3.18 20.85
CA PHE A 763 4.91 3.39 19.88
C PHE A 763 5.91 4.32 20.51
N VAL A 764 7.19 4.16 20.21
CA VAL A 764 8.20 5.08 20.72
C VAL A 764 8.57 6.16 19.72
N VAL A 765 8.12 5.98 18.46
CA VAL A 765 8.32 6.95 17.40
C VAL A 765 6.97 7.12 16.72
N TYR A 766 6.62 8.37 16.44
CA TYR A 766 5.46 8.73 15.64
C TYR A 766 5.94 9.60 14.47
N MET A 767 5.05 9.71 13.49
CA MET A 767 5.18 10.58 12.35
C MET A 767 4.17 11.72 12.52
N TYR A 768 4.57 12.94 12.18
CA TYR A 768 3.71 14.12 12.37
C TYR A 768 3.68 14.92 11.09
N GLY A 769 2.50 15.45 10.74
CA GLY A 769 2.42 16.28 9.56
C GLY A 769 1.25 17.23 9.58
N VAL A 770 1.30 18.21 8.69
CA VAL A 770 0.22 19.19 8.50
C VAL A 770 -0.06 19.28 7.01
N PHE A 771 -1.32 19.04 6.64
CA PHE A 771 -1.78 19.04 5.27
C PHE A 771 -2.48 20.35 4.94
N MET A 772 -2.31 20.78 3.68
CA MET A 772 -3.13 21.86 3.12
C MET A 772 -3.62 21.45 1.74
N ALA A 773 -4.92 21.53 1.53
CA ALA A 773 -5.55 21.20 0.26
C ALA A 773 -6.12 22.47 -0.35
N GLU A 774 -5.97 22.60 -1.65
CA GLU A 774 -6.53 23.70 -2.42
C GLU A 774 -7.43 23.09 -3.49
N VAL A 775 -8.71 23.47 -3.51
CA VAL A 775 -9.68 22.82 -4.37
C VAL A 775 -10.55 23.86 -5.08
N THR A 776 -11.17 23.40 -6.16
CA THR A 776 -12.21 24.12 -6.89
C THR A 776 -13.42 23.23 -6.98
N VAL A 777 -14.58 23.76 -6.63
CA VAL A 777 -15.85 23.06 -6.76
C VAL A 777 -16.68 23.75 -7.84
N ASP A 778 -17.11 22.99 -8.83
CA ASP A 778 -18.06 23.47 -9.82
C ASP A 778 -19.43 23.32 -9.19
N VAL A 779 -20.04 24.45 -8.83
CA VAL A 779 -21.28 24.37 -8.07
C VAL A 779 -22.47 24.00 -8.93
N ALA A 780 -22.32 23.93 -10.25
CA ALA A 780 -23.39 23.44 -11.11
C ALA A 780 -23.41 21.92 -11.15
N THR A 781 -22.27 21.28 -10.94
CA THR A 781 -22.19 19.82 -11.06
C THR A 781 -21.81 19.12 -9.77
N GLY A 782 -21.24 19.84 -8.79
CA GLY A 782 -20.72 19.20 -7.63
C GLY A 782 -19.35 18.60 -7.76
N GLN A 783 -18.72 18.74 -8.93
CA GLN A 783 -17.41 18.15 -9.14
CA GLN A 783 -17.42 18.16 -9.14
C GLN A 783 -16.34 18.99 -8.45
N THR A 784 -15.49 18.32 -7.68
CA THR A 784 -14.34 18.93 -7.03
C THR A 784 -13.07 18.54 -7.81
N THR A 785 -12.24 19.53 -8.04
CA THR A 785 -10.88 19.32 -8.54
C THR A 785 -9.92 19.74 -7.46
N VAL A 786 -8.95 18.89 -7.15
CA VAL A 786 -7.89 19.24 -6.23
C VAL A 786 -6.77 19.89 -7.05
N ASP A 787 -6.52 21.18 -6.78
CA ASP A 787 -5.57 21.96 -7.52
C ASP A 787 -4.18 21.96 -6.90
N GLY A 788 -4.08 21.61 -5.62
CA GLY A 788 -2.79 21.58 -4.96
C GLY A 788 -2.94 20.86 -3.64
N MET A 789 -1.86 20.14 -3.27
CA MET A 789 -1.74 19.58 -1.92
CA MET A 789 -1.73 19.65 -1.92
C MET A 789 -0.35 19.96 -1.41
N THR A 790 -0.29 20.28 -0.12
CA THR A 790 0.96 20.51 0.59
C THR A 790 1.00 19.62 1.81
N LEU A 791 2.15 18.98 2.07
CA LEU A 791 2.37 18.30 3.34
C LEU A 791 3.63 18.88 3.98
N MET A 792 3.44 19.44 5.18
CA MET A 792 4.55 19.68 6.10
C MET A 792 4.78 18.34 6.79
N ALA A 793 5.99 17.80 6.71
CA ALA A 793 6.27 16.47 7.23
C ALA A 793 7.47 16.49 8.16
N ASP A 794 7.32 15.88 9.32
CA ASP A 794 8.45 15.67 10.22
C ASP A 794 8.78 14.19 10.22
N LEU A 795 9.82 13.84 9.48
CA LEU A 795 10.28 12.45 9.34
C LEU A 795 11.56 12.22 10.11
N GLY A 796 11.99 13.17 10.93
CA GLY A 796 13.17 12.96 11.79
C GLY A 796 14.49 13.20 11.09
N SER A 797 14.71 12.39 10.06
CA SER A 797 15.87 12.47 9.18
C SER A 797 15.55 11.60 7.99
N LEU A 798 15.93 11.99 6.79
CA LEU A 798 15.59 11.21 5.60
C LEU A 798 16.65 10.15 5.32
N CYS A 799 16.27 8.88 5.23
CA CYS A 799 17.22 7.90 4.68
C CYS A 799 17.48 8.20 3.21
N ASN A 800 16.41 8.42 2.44
CA ASN A 800 16.57 8.66 1.02
C ASN A 800 15.43 9.56 0.56
N GLN A 801 15.77 10.71 0.00
CA GLN A 801 14.72 11.67 -0.39
C GLN A 801 13.92 11.21 -1.60
N LEU A 802 14.52 10.48 -2.55
CA LEU A 802 13.65 9.96 -3.62
C LEU A 802 12.58 9.07 -3.03
N ALA A 803 12.96 8.27 -2.06
CA ALA A 803 11.98 7.37 -1.43
C ALA A 803 10.93 8.16 -0.69
N THR A 804 11.32 9.09 0.15
CA THR A 804 10.32 9.79 0.99
C THR A 804 9.44 10.72 0.16
N ASP A 805 10.02 11.45 -0.79
CA ASP A 805 9.19 12.30 -1.62
C ASP A 805 8.11 11.45 -2.31
N GLY A 806 8.54 10.32 -2.85
CA GLY A 806 7.62 9.45 -3.56
C GLY A 806 6.54 8.87 -2.67
N GLN A 807 6.92 8.49 -1.45
CA GLN A 807 5.94 8.01 -0.47
C GLN A 807 4.87 9.04 -0.24
N ILE A 808 5.30 10.29 -0.04
CA ILE A 808 4.35 11.36 0.26
C ILE A 808 3.45 11.63 -0.94
N TYR A 809 4.02 11.76 -2.14
CA TYR A 809 3.15 12.01 -3.31
C TYR A 809 2.14 10.88 -3.49
N GLY A 810 2.58 9.64 -3.33
CA GLY A 810 1.64 8.54 -3.49
C GLY A 810 0.53 8.54 -2.47
N GLY A 811 0.87 8.83 -1.21
CA GLY A 811 -0.16 8.88 -0.20
C GLY A 811 -1.15 10.01 -0.41
N LEU A 812 -0.65 11.18 -0.83
CA LEU A 812 -1.53 12.30 -1.11
C LEU A 812 -2.53 11.93 -2.22
N ALA A 813 -2.06 11.23 -3.24
CA ALA A 813 -2.92 10.83 -4.33
C ALA A 813 -4.01 9.86 -3.85
N GLN A 814 -3.65 8.88 -3.00
CA GLN A 814 -4.64 8.01 -2.41
C GLN A 814 -5.63 8.79 -1.56
N GLY A 815 -5.18 9.86 -0.92
CA GLY A 815 -6.07 10.71 -0.15
C GLY A 815 -7.09 11.43 -1.00
N ILE A 816 -6.67 11.87 -2.20
CA ILE A 816 -7.60 12.47 -3.17
C ILE A 816 -8.64 11.44 -3.57
N GLY A 817 -8.21 10.22 -3.83
CA GLY A 817 -9.18 9.18 -4.15
C GLY A 817 -10.15 8.93 -3.00
N LEU A 818 -9.63 8.75 -1.79
CA LEU A 818 -10.46 8.52 -0.64
C LEU A 818 -11.48 9.64 -0.45
N ALA A 819 -11.02 10.88 -0.63
CA ALA A 819 -11.92 12.01 -0.43
C ALA A 819 -13.02 12.09 -1.47
N LEU A 820 -12.68 11.83 -2.74
CA LEU A 820 -13.55 12.25 -3.84
C LEU A 820 -14.21 11.13 -4.61
N SER A 821 -13.58 9.95 -4.73
CA SER A 821 -14.03 9.02 -5.77
C SER A 821 -14.05 7.57 -5.42
N GLU A 822 -13.29 7.11 -4.42
CA GLU A 822 -13.05 5.68 -4.24
C GLU A 822 -14.02 5.04 -3.29
N ASP A 823 -14.41 3.80 -3.58
CA ASP A 823 -15.10 2.94 -2.62
C ASP A 823 -15.16 1.55 -3.18
N PHE A 824 -15.45 0.60 -2.28
CA PHE A 824 -15.84 -0.75 -2.69
C PHE A 824 -17.09 -1.11 -1.92
N GLU A 825 -18.22 -0.70 -2.48
CA GLU A 825 -19.53 -0.92 -1.90
C GLU A 825 -20.38 -1.85 -2.76
N ASP A 826 -20.34 -1.63 -4.07
CA ASP A 826 -21.08 -2.37 -5.04
CA ASP A 826 -21.12 -2.46 -5.04
C ASP A 826 -20.17 -3.46 -5.61
N ILE A 827 -20.51 -4.71 -5.30
CA ILE A 827 -19.62 -5.83 -5.56
C ILE A 827 -19.20 -5.91 -7.02
N LYS A 828 -20.13 -5.63 -7.94
CA LYS A 828 -19.79 -5.68 -9.38
C LYS A 828 -19.33 -4.34 -9.89
N LYS A 829 -20.08 -3.27 -9.59
CA LYS A 829 -19.75 -1.97 -10.21
C LYS A 829 -18.38 -1.46 -9.79
N HIS A 830 -17.99 -1.76 -8.56
CA HIS A 830 -16.72 -1.27 -8.01
C HIS A 830 -15.58 -2.27 -8.22
N ALA A 831 -15.79 -3.27 -9.10
CA ALA A 831 -14.79 -4.28 -9.34
C ALA A 831 -13.86 -4.00 -10.49
N THR A 832 -13.89 -2.76 -11.01
CA THR A 832 -12.94 -2.29 -12.01
C THR A 832 -12.27 -1.02 -11.49
N LEU A 833 -11.11 -0.69 -12.03
CA LEU A 833 -10.44 0.57 -11.69
C LEU A 833 -11.33 1.77 -11.91
N VAL A 834 -11.91 1.86 -13.11
CA VAL A 834 -12.74 3.01 -13.39
C VAL A 834 -14.01 3.00 -12.54
N GLY A 835 -14.56 1.83 -12.33
CA GLY A 835 -15.80 1.74 -11.59
C GLY A 835 -15.66 2.15 -10.14
N ALA A 836 -14.50 1.84 -9.55
CA ALA A 836 -14.21 2.14 -8.15
C ALA A 836 -13.55 3.50 -7.94
N GLY A 837 -13.39 4.30 -8.99
CA GLY A 837 -12.87 5.65 -8.82
C GLY A 837 -11.38 5.81 -8.68
N PHE A 838 -10.62 4.92 -9.31
CA PHE A 838 -9.16 5.05 -9.29
C PHE A 838 -8.73 6.44 -9.77
N PRO A 839 -7.77 7.08 -9.12
CA PRO A 839 -7.33 8.41 -9.58
C PRO A 839 -6.35 8.32 -10.75
N PHE A 840 -6.83 8.68 -11.92
CA PHE A 840 -5.96 8.87 -13.08
C PHE A 840 -5.27 10.21 -12.97
N ILE A 841 -4.30 10.44 -13.87
CA ILE A 841 -3.36 11.54 -13.63
C ILE A 841 -4.03 12.90 -13.50
N LYS A 842 -5.06 13.19 -14.29
CA LYS A 842 -5.68 14.51 -14.20
C LYS A 842 -6.36 14.78 -12.88
N GLN A 843 -6.69 13.73 -12.13
CA GLN A 843 -7.30 13.88 -10.81
CA GLN A 843 -7.29 13.93 -10.83
C GLN A 843 -6.29 14.31 -9.75
N ILE A 844 -5.00 14.10 -10.04
CA ILE A 844 -3.95 14.39 -9.08
C ILE A 844 -3.25 15.68 -9.55
N PRO A 845 -3.20 16.74 -8.74
CA PRO A 845 -2.60 17.96 -9.24
C PRO A 845 -1.11 17.77 -9.46
N ASP A 846 -0.56 18.53 -10.40
CA ASP A 846 0.89 18.56 -10.55
C ASP A 846 1.54 19.25 -9.33
N LYS A 847 0.80 20.17 -8.70
CA LYS A 847 1.29 20.87 -7.49
CA LYS A 847 1.28 20.85 -7.52
C LYS A 847 1.10 19.98 -6.29
N LEU A 848 2.09 19.18 -6.00
CA LEU A 848 2.20 18.41 -4.76
C LEU A 848 3.47 18.93 -4.11
N ASP A 849 3.32 19.61 -3.00
CA ASP A 849 4.44 20.30 -2.35
C ASP A 849 4.74 19.68 -1.00
N ILE A 850 6.00 19.39 -0.74
CA ILE A 850 6.46 18.87 0.53
C ILE A 850 7.36 19.89 1.18
N VAL A 851 7.22 20.07 2.49
CA VAL A 851 8.21 20.80 3.28
C VAL A 851 8.60 19.92 4.44
N TYR A 852 9.86 19.48 4.49
CA TYR A 852 10.35 18.69 5.59
C TYR A 852 10.72 19.60 6.75
N VAL A 853 10.20 19.29 7.93
CA VAL A 853 10.49 20.02 9.16
C VAL A 853 10.92 18.97 10.16
N ASN A 854 12.13 18.47 9.99
CA ASN A 854 12.54 17.25 10.63
C ASN A 854 13.12 17.49 12.01
N HIS A 855 12.54 16.81 13.01
CA HIS A 855 12.99 16.85 14.40
C HIS A 855 13.53 15.46 14.71
N PRO A 856 14.86 15.28 14.77
CA PRO A 856 15.40 13.93 14.97
C PRO A 856 14.77 13.19 16.12
N ARG A 857 14.42 11.93 15.88
CA ARG A 857 13.78 11.11 16.91
C ARG A 857 14.80 10.50 17.84
N PRO A 858 14.59 10.56 19.16
CA PRO A 858 15.54 9.92 20.09
C PRO A 858 15.79 8.47 19.79
N ASP A 859 14.79 7.71 19.34
CA ASP A 859 14.92 6.27 19.19
C ASP A 859 15.05 5.82 17.75
N GLY A 860 14.97 6.72 16.77
CA GLY A 860 15.08 6.35 15.39
C GLY A 860 16.51 6.23 14.93
N PRO A 861 16.77 5.41 13.91
CA PRO A 861 18.16 5.29 13.42
C PRO A 861 18.57 6.60 12.78
N PHE A 862 19.66 7.20 13.26
CA PHE A 862 20.13 8.50 12.79
C PHE A 862 19.03 9.54 12.89
N GLY A 863 18.08 9.32 13.82
CA GLY A 863 16.98 10.24 14.03
C GLY A 863 15.74 10.02 13.20
N ALA A 864 15.69 9.00 12.32
CA ALA A 864 14.55 8.81 11.41
C ALA A 864 13.31 8.29 12.12
N SER A 865 12.15 8.78 11.65
CA SER A 865 10.88 8.08 11.82
C SER A 865 10.56 7.33 10.53
N GLY A 866 9.42 6.63 10.52
CA GLY A 866 8.87 6.15 9.28
C GLY A 866 8.29 7.27 8.44
N VAL A 867 7.76 6.88 7.28
CA VAL A 867 6.98 7.79 6.44
C VAL A 867 5.73 7.14 5.86
N GLY A 868 5.71 5.81 5.71
CA GLY A 868 4.80 5.23 4.72
C GLY A 868 3.36 5.68 4.83
N GLU A 869 2.80 5.65 6.04
CA GLU A 869 1.39 5.94 6.23
C GLU A 869 1.10 7.39 6.54
N LEU A 870 2.10 8.19 6.92
CA LEU A 870 1.85 9.58 7.25
C LEU A 870 1.00 10.31 6.19
N PRO A 871 1.32 10.22 4.90
CA PRO A 871 0.59 11.04 3.92
C PRO A 871 -0.86 10.64 3.67
N LEU A 872 -1.30 9.49 4.23
CA LEU A 872 -2.72 9.11 4.11
C LEU A 872 -3.48 9.27 5.42
N THR A 873 -2.83 9.79 6.49
CA THR A 873 -3.53 9.92 7.74
C THR A 873 -4.77 10.81 7.63
N SER A 874 -4.63 12.01 7.07
CA SER A 874 -5.78 12.89 6.98
C SER A 874 -5.82 13.80 5.75
N PRO A 875 -5.20 13.49 4.60
CA PRO A 875 -5.32 14.44 3.46
C PRO A 875 -6.77 14.65 3.03
N HIS A 876 -7.56 13.59 3.13
CA HIS A 876 -8.97 13.63 2.80
C HIS A 876 -9.76 14.55 3.72
N ALA A 877 -9.34 14.68 4.98
CA ALA A 877 -9.95 15.71 5.84
C ALA A 877 -9.63 17.10 5.34
N ALA A 878 -8.35 17.36 5.01
CA ALA A 878 -8.02 18.67 4.45
C ALA A 878 -8.84 18.95 3.20
N ILE A 879 -9.03 17.97 2.33
CA ILE A 879 -9.80 18.17 1.11
C ILE A 879 -11.26 18.48 1.42
N ILE A 880 -11.89 17.72 2.31
CA ILE A 880 -13.28 18.01 2.68
C ILE A 880 -13.38 19.36 3.37
N ASN A 881 -12.38 19.69 4.19
CA ASN A 881 -12.36 21.02 4.84
C ASN A 881 -12.25 22.10 3.77
N ALA A 882 -11.55 21.84 2.68
CA ALA A 882 -11.41 22.80 1.59
C ALA A 882 -12.72 22.94 0.81
N ILE A 883 -13.44 21.84 0.60
CA ILE A 883 -14.76 21.94 -0.03
C ILE A 883 -15.68 22.81 0.82
N LYS A 884 -15.63 22.64 2.14
CA LYS A 884 -16.40 23.46 3.05
C LYS A 884 -15.98 24.92 2.96
N SER A 885 -14.69 25.19 2.97
CA SER A 885 -14.16 26.56 2.74
C SER A 885 -14.72 27.15 1.47
N ALA A 886 -14.71 26.38 0.39
CA ALA A 886 -15.12 26.88 -0.92
C ALA A 886 -16.60 27.21 -1.00
N THR A 887 -17.42 26.34 -0.41
CA THR A 887 -18.84 26.30 -0.75
C THR A 887 -19.80 26.40 0.42
N GLY A 888 -19.33 26.24 1.64
CA GLY A 888 -20.19 26.13 2.79
C GLY A 888 -20.76 24.76 3.05
N VAL A 889 -20.50 23.78 2.20
CA VAL A 889 -21.06 22.54 2.58
CA VAL A 889 -20.98 22.37 2.31
C VAL A 889 -20.00 21.52 3.03
N ARG A 890 -20.45 20.78 4.03
CA ARG A 890 -19.64 19.76 4.66
C ARG A 890 -20.12 18.39 4.26
N ILE A 891 -19.23 17.59 3.66
CA ILE A 891 -19.48 16.17 3.42
C ILE A 891 -18.97 15.38 4.60
N TYR A 892 -19.89 14.70 5.27
CA TYR A 892 -19.60 13.90 6.46
C TYR A 892 -19.30 12.45 6.15
N ARG A 893 -19.77 11.96 5.01
CA ARG A 893 -19.68 10.56 4.65
C ARG A 893 -18.97 10.47 3.30
N LEU A 894 -17.74 9.94 3.32
CA LEU A 894 -16.95 9.87 2.09
C LEU A 894 -17.47 8.78 1.17
N PRO A 895 -17.21 8.88 -0.13
CA PRO A 895 -16.53 10.00 -0.82
C PRO A 895 -17.50 11.11 -1.22
N ALA A 896 -16.93 12.25 -1.53
CA ALA A 896 -17.67 13.45 -1.98
C ALA A 896 -18.00 13.32 -3.47
N TYR A 897 -18.86 12.33 -3.81
CA TYR A 897 -19.32 12.15 -5.20
C TYR A 897 -20.01 13.45 -5.64
N PRO A 898 -19.91 13.80 -6.94
CA PRO A 898 -20.55 15.01 -7.42
C PRO A 898 -22.04 15.12 -7.05
N GLU A 899 -22.83 14.06 -7.22
CA GLU A 899 -24.27 14.21 -6.92
C GLU A 899 -24.48 14.49 -5.43
N LYS A 900 -23.65 13.86 -4.59
CA LYS A 900 -23.74 14.10 -3.15
C LYS A 900 -23.43 15.56 -2.82
N VAL A 901 -22.37 16.11 -3.41
CA VAL A 901 -22.04 17.52 -3.18
C VAL A 901 -23.18 18.39 -3.72
N LEU A 902 -23.71 18.07 -4.89
CA LEU A 902 -24.80 18.87 -5.46
CA LEU A 902 -24.71 18.91 -5.46
C LEU A 902 -26.01 18.91 -4.60
N GLU A 903 -26.41 17.74 -4.09
CA GLU A 903 -27.55 17.68 -3.19
C GLU A 903 -27.32 18.58 -1.99
N ALA A 904 -26.12 18.58 -1.46
CA ALA A 904 -25.83 19.44 -0.32
C ALA A 904 -25.81 20.91 -0.69
N LEU A 905 -25.29 21.24 -1.86
CA LEU A 905 -25.30 22.64 -2.33
C LEU A 905 -26.70 23.19 -2.49
N LYS A 906 -27.62 22.33 -2.88
CA LYS A 906 -28.96 22.76 -3.25
C LYS A 906 -29.95 22.65 -2.11
N ALA A 907 -29.57 22.05 -0.99
CA ALA A 907 -30.47 21.81 0.11
C ALA A 907 -30.93 23.11 0.74
#